data_7JR5
#
_entry.id   7JR5
#
_cell.length_a   83.690
_cell.length_b   83.400
_cell.length_c   86.870
_cell.angle_alpha   90.00
_cell.angle_beta   107.63
_cell.angle_gamma   90.00
#
_symmetry.space_group_name_H-M   'P 1 21 1'
#
loop_
_entity.id
_entity.type
_entity.pdbx_description
1 polymer 'Photoreceptor-histidine kinase BphP'
2 non-polymer '3-[2-[[5-[(4-ethenyl-3-methyl-5-oxidanylidene-pyrrol-2-yl)methyl]-3-(3-hydroxy-3-oxopropyl)-4-methyl-1~{H}-pyrrol-2-yl]methyl]-5-[[(3~{S})-4-ethyl-3-methyl-2-oxidanylidene-1,3-dihydropyrrol-5-yl]methyl]-4-methyl-1~{H}-pyrrol-3-yl]propanoic acid'
3 non-polymer BENZAMIDINE
4 water water
#
_entity_poly.entity_id   1
_entity_poly.type   'polypeptide(L)'
_entity_poly.pdbx_seq_one_letter_code
;MPPSVSELDLSQCDREPIHLLGGIQSHGVLLAFRGPDRLLEVVSANAQALLGRPPETLLGQPVGRVLPAEVLAQWEPLVA
RGSVRVVLPAGAYRALLHESDGLTVLELEPAELQPGMEETALEVVRRLVSPLAGVKGTQALLQTAADTVRALTGFDRVMV
YRFDADWHGEVLAESKRGGMDGFLGMHFPATDIPVQARALYTRNPLRLIADARARPVPLLPPVVPALGRPLDLSNSALRS
VSPVHLEYLRNMGVGASFSLSLLKEGVLWGLIACHHLEPLHISHERRRACEVLTQLLALQLSAEERAAEASEDAHRAALL
GQLATAMGEGGTLEEVLEKESERVLALTGAAGVALLLGEEPLLVGCTPAQDEVEALVAWLATQPFQTSFHTDRLGTVYPP
LAARADVAAGILAVRLAPAAARFAIWFRPEVARTISWAGNPRKPAEPEPGHQRLHPRGSFQAWEETVRDTSLPWKRADLG
AAEGFRGALV
;
_entity_poly.pdbx_strand_id   A,B
#
# COMPACT_ATOMS: atom_id res chain seq x y z
N ASP A 9 2.27 -3.29 -37.18
CA ASP A 9 2.83 -4.46 -36.47
C ASP A 9 2.53 -5.71 -37.29
N LEU A 10 1.35 -6.32 -37.07
CA LEU A 10 0.99 -7.66 -37.59
C LEU A 10 -0.48 -7.75 -37.95
N SER A 11 -0.79 -7.73 -39.26
CA SER A 11 -2.12 -8.04 -39.87
C SER A 11 -3.16 -6.97 -39.52
N GLN A 12 -4.10 -6.73 -40.47
CA GLN A 12 -5.15 -5.66 -40.54
C GLN A 12 -5.76 -5.31 -39.16
N CYS A 13 -5.56 -6.18 -38.16
CA CYS A 13 -5.67 -5.82 -36.76
CA CYS A 13 -5.66 -5.83 -36.76
C CYS A 13 -4.66 -4.70 -36.46
N ASP A 14 -3.51 -4.83 -37.13
CA ASP A 14 -2.31 -4.01 -37.11
C ASP A 14 -2.57 -2.52 -36.83
N ARG A 15 -2.95 -1.85 -37.92
CA ARG A 15 -2.55 -0.46 -38.22
C ARG A 15 -3.64 0.47 -37.70
N GLU A 16 -4.84 -0.03 -37.46
CA GLU A 16 -6.05 0.82 -37.65
C GLU A 16 -5.95 2.05 -36.73
N PRO A 17 -6.06 3.26 -37.31
CA PRO A 17 -5.87 4.51 -36.58
C PRO A 17 -7.06 4.78 -35.66
N ILE A 18 -7.05 4.13 -34.49
CA ILE A 18 -8.24 3.66 -33.71
C ILE A 18 -8.90 4.82 -32.93
N HIS A 19 -8.17 5.89 -32.62
CA HIS A 19 -8.64 7.07 -31.85
C HIS A 19 -9.25 8.09 -32.81
N LEU A 20 -8.43 8.58 -33.74
CA LEU A 20 -8.81 9.55 -34.78
C LEU A 20 -9.58 8.76 -35.82
N LEU A 21 -10.88 8.63 -35.60
CA LEU A 21 -11.76 7.65 -36.26
C LEU A 21 -13.15 8.28 -36.35
N GLY A 22 -13.28 9.48 -35.79
CA GLY A 22 -14.56 10.18 -35.65
C GLY A 22 -15.45 9.41 -34.72
N GLY A 23 -16.74 9.44 -34.96
CA GLY A 23 -17.72 8.56 -34.33
C GLY A 23 -17.59 8.44 -32.82
N ILE A 24 -18.66 8.83 -32.13
CA ILE A 24 -18.79 8.95 -30.64
C ILE A 24 -19.91 8.02 -30.10
N GLN A 25 -20.25 8.21 -28.82
CA GLN A 25 -21.33 7.49 -28.08
C GLN A 25 -22.55 8.42 -28.00
N SER A 26 -23.74 7.87 -27.87
CA SER A 26 -25.03 8.53 -28.25
C SER A 26 -25.78 9.15 -27.05
N HIS A 27 -25.30 8.90 -25.83
CA HIS A 27 -25.83 9.48 -24.57
C HIS A 27 -25.05 10.73 -24.19
N GLY A 28 -23.88 10.92 -24.80
CA GLY A 28 -23.06 12.13 -24.62
C GLY A 28 -22.97 12.94 -25.90
N VAL A 29 -22.48 14.18 -25.84
CA VAL A 29 -22.49 15.09 -27.01
C VAL A 29 -21.21 15.92 -26.97
N LEU A 30 -20.18 15.38 -27.62
CA LEU A 30 -18.83 15.99 -27.71
C LEU A 30 -18.94 17.12 -28.74
N LEU A 31 -18.21 18.23 -28.54
CA LEU A 31 -18.16 19.35 -29.50
C LEU A 31 -17.28 20.47 -28.94
N ALA A 32 -16.37 21.03 -29.75
CA ALA A 32 -15.37 22.03 -29.31
C ALA A 32 -15.58 23.38 -30.02
N PHE A 33 -15.17 24.45 -29.33
CA PHE A 33 -15.20 25.86 -29.80
C PHE A 33 -13.76 26.35 -29.99
N ARG A 34 -13.14 26.05 -31.14
CA ARG A 34 -11.75 26.50 -31.44
C ARG A 34 -11.71 28.03 -31.47
N GLY A 35 -10.50 28.59 -31.54
CA GLY A 35 -10.31 30.03 -31.70
C GLY A 35 -10.25 30.75 -30.36
N PRO A 36 -9.80 32.01 -30.35
CA PRO A 36 -9.43 32.71 -29.14
C PRO A 36 -10.72 33.22 -28.51
N ASP A 37 -11.25 34.35 -29.00
CA ASP A 37 -12.67 34.76 -28.83
C ASP A 37 -13.51 33.51 -29.07
N ARG A 38 -13.81 32.77 -27.98
CA ARG A 38 -13.97 31.30 -28.04
C ARG A 38 -15.20 30.95 -28.88
N LEU A 39 -14.96 30.45 -30.09
CA LEU A 39 -15.96 30.29 -31.19
C LEU A 39 -16.17 28.81 -31.52
N LEU A 40 -17.43 28.38 -31.53
CA LEU A 40 -17.82 27.00 -31.93
C LEU A 40 -17.23 26.64 -33.29
N GLU A 41 -16.19 25.80 -33.27
CA GLU A 41 -15.63 25.13 -34.47
C GLU A 41 -16.59 23.99 -34.88
N VAL A 42 -16.20 22.72 -34.68
CA VAL A 42 -16.94 21.51 -35.16
C VAL A 42 -17.98 21.09 -34.11
N VAL A 43 -19.23 20.84 -34.56
CA VAL A 43 -20.37 20.37 -33.71
C VAL A 43 -20.70 18.93 -34.10
N SER A 44 -21.26 18.16 -33.15
CA SER A 44 -21.30 16.68 -33.14
C SER A 44 -22.70 16.08 -33.42
N ALA A 45 -23.18 16.16 -34.66
CA ALA A 45 -24.07 15.17 -35.32
C ALA A 45 -25.48 15.16 -34.72
N ASN A 46 -25.76 14.24 -33.82
CA ASN A 46 -26.84 14.32 -32.81
C ASN A 46 -26.34 15.26 -31.73
N ALA A 47 -26.01 16.49 -32.15
CA ALA A 47 -25.50 17.61 -31.33
C ALA A 47 -26.65 18.31 -30.62
N GLN A 48 -27.75 18.59 -31.34
CA GLN A 48 -29.09 18.95 -30.81
C GLN A 48 -29.80 17.65 -30.37
N ALA A 49 -30.91 17.80 -29.62
CA ALA A 49 -31.47 16.82 -28.65
C ALA A 49 -31.49 17.54 -27.30
N LEU A 50 -30.42 18.32 -27.04
CA LEU A 50 -30.28 19.25 -25.89
C LEU A 50 -30.17 20.70 -26.39
N LEU A 51 -29.67 20.89 -27.61
CA LEU A 51 -29.15 22.20 -28.09
C LEU A 51 -30.23 22.94 -28.91
N GLY A 52 -31.34 22.25 -29.23
CA GLY A 52 -32.63 22.84 -29.67
C GLY A 52 -32.71 23.14 -31.16
N ARG A 53 -31.56 23.20 -31.85
CA ARG A 53 -31.44 23.67 -33.26
C ARG A 53 -31.02 22.49 -34.14
N PRO A 54 -30.83 22.68 -35.47
CA PRO A 54 -30.21 21.65 -36.31
C PRO A 54 -28.71 21.67 -36.11
N PRO A 55 -28.04 20.50 -35.95
CA PRO A 55 -26.60 20.47 -35.69
C PRO A 55 -25.86 21.47 -36.61
N GLU A 56 -25.87 21.22 -37.93
CA GLU A 56 -25.10 22.02 -38.92
C GLU A 56 -25.19 23.49 -38.53
N THR A 57 -26.40 24.05 -38.65
CA THR A 57 -26.75 25.48 -38.46
C THR A 57 -25.55 26.22 -37.83
N LEU A 58 -25.40 26.20 -36.52
CA LEU A 58 -24.65 27.24 -35.75
C LEU A 58 -23.13 26.96 -35.67
N LEU A 59 -22.49 26.68 -36.81
CA LEU A 59 -21.07 26.28 -37.00
C LEU A 59 -20.07 27.46 -36.93
N GLY A 60 -20.52 28.70 -36.97
CA GLY A 60 -19.70 29.85 -36.55
C GLY A 60 -19.95 30.04 -35.07
N GLN A 61 -20.38 31.24 -34.69
CA GLN A 61 -21.18 31.52 -33.47
C GLN A 61 -20.41 31.28 -32.18
N PRO A 62 -20.04 32.38 -31.46
CA PRO A 62 -19.25 32.33 -30.23
C PRO A 62 -19.72 31.35 -29.14
N VAL A 63 -18.85 31.17 -28.11
CA VAL A 63 -18.96 30.16 -27.00
C VAL A 63 -20.42 29.82 -26.85
N GLY A 64 -21.17 30.82 -26.38
CA GLY A 64 -22.53 30.75 -25.83
C GLY A 64 -23.42 31.79 -26.49
N ARG A 65 -24.00 31.35 -27.59
CA ARG A 65 -24.71 32.10 -28.66
C ARG A 65 -25.27 30.95 -29.50
N VAL A 66 -25.80 29.99 -28.73
CA VAL A 66 -25.58 28.51 -28.71
C VAL A 66 -25.34 28.11 -27.23
N LEU A 67 -25.72 26.88 -26.85
CA LEU A 67 -25.77 26.34 -25.46
C LEU A 67 -26.26 27.39 -24.48
N PRO A 68 -27.24 27.03 -23.60
CA PRO A 68 -28.02 27.98 -22.79
C PRO A 68 -27.35 29.05 -21.93
N ALA A 69 -28.22 29.92 -21.37
CA ALA A 69 -27.92 30.82 -20.23
C ALA A 69 -27.24 29.98 -19.13
N GLU A 70 -27.99 29.12 -18.44
CA GLU A 70 -27.52 28.07 -17.46
C GLU A 70 -26.02 27.77 -17.62
N VAL A 71 -25.63 27.08 -18.71
CA VAL A 71 -24.22 26.70 -19.02
C VAL A 71 -23.35 27.93 -19.21
N LEU A 72 -23.89 29.09 -19.61
CA LEU A 72 -23.09 30.31 -19.89
C LEU A 72 -22.48 30.81 -18.58
N ALA A 73 -23.27 30.82 -17.50
CA ALA A 73 -22.73 31.00 -16.14
C ALA A 73 -21.64 29.93 -15.97
N GLN A 74 -22.03 28.65 -16.11
CA GLN A 74 -21.11 27.51 -15.82
C GLN A 74 -19.85 27.60 -16.70
N TRP A 75 -19.91 28.25 -17.86
CA TRP A 75 -18.74 28.36 -18.76
C TRP A 75 -17.50 28.65 -17.90
N GLU A 76 -17.63 29.57 -16.95
CA GLU A 76 -16.51 30.11 -16.12
C GLU A 76 -15.99 29.02 -15.18
N PRO A 77 -16.83 28.50 -14.25
CA PRO A 77 -16.39 27.51 -13.26
C PRO A 77 -15.88 26.15 -13.72
N LEU A 78 -15.63 25.90 -15.02
CA LEU A 78 -15.00 24.65 -15.53
C LEU A 78 -13.62 24.92 -16.14
N VAL A 79 -13.40 26.07 -16.77
CA VAL A 79 -12.05 26.62 -17.08
C VAL A 79 -11.21 26.40 -15.82
N ALA A 80 -11.67 26.99 -14.72
CA ALA A 80 -11.01 26.96 -13.39
C ALA A 80 -11.00 25.53 -12.84
N ARG A 81 -12.15 24.86 -12.82
CA ARG A 81 -12.43 23.69 -11.92
C ARG A 81 -12.38 22.35 -12.64
N GLY A 82 -12.24 22.34 -13.97
CA GLY A 82 -12.33 21.14 -14.81
C GLY A 82 -13.77 20.72 -15.07
N SER A 83 -14.55 20.53 -14.00
CA SER A 83 -15.87 19.87 -14.00
C SER A 83 -16.92 20.77 -13.36
N VAL A 84 -18.12 20.83 -13.96
CA VAL A 84 -19.26 21.70 -13.54
C VAL A 84 -20.57 20.90 -13.60
N ARG A 85 -21.63 21.49 -13.05
CA ARG A 85 -22.99 20.91 -12.89
C ARG A 85 -23.98 21.67 -13.80
N VAL A 86 -23.89 21.45 -15.10
CA VAL A 86 -24.89 21.90 -16.10
C VAL A 86 -26.20 21.11 -15.84
N VAL A 87 -27.37 21.72 -16.06
CA VAL A 87 -28.74 21.11 -15.96
C VAL A 87 -29.73 21.88 -16.86
N LEU A 88 -29.96 21.40 -18.09
CA LEU A 88 -30.95 21.99 -19.03
C LEU A 88 -32.32 21.44 -18.63
N PRO A 89 -33.25 21.03 -19.54
CA PRO A 89 -34.55 20.49 -19.12
C PRO A 89 -34.64 18.97 -19.01
N ALA A 90 -34.08 18.25 -20.00
CA ALA A 90 -34.26 16.80 -20.25
C ALA A 90 -33.43 15.97 -19.26
N GLY A 91 -33.93 15.82 -18.03
CA GLY A 91 -33.16 15.34 -16.87
C GLY A 91 -31.91 16.17 -16.70
N ALA A 92 -30.98 16.01 -17.65
CA ALA A 92 -29.89 16.93 -18.00
C ALA A 92 -28.57 16.54 -17.33
N TYR A 93 -27.50 16.67 -18.12
CA TYR A 93 -26.22 15.94 -18.03
C TYR A 93 -25.11 16.90 -17.57
N ARG A 94 -23.85 16.44 -17.47
CA ARG A 94 -22.70 17.34 -17.16
C ARG A 94 -21.44 16.95 -17.94
N ALA A 95 -20.81 17.96 -18.58
CA ALA A 95 -19.60 17.81 -19.42
C ALA A 95 -18.34 17.80 -18.55
N LEU A 96 -17.48 16.79 -18.75
CA LEU A 96 -16.08 16.78 -18.27
C LEU A 96 -15.19 17.00 -19.49
N LEU A 97 -14.32 18.03 -19.51
CA LEU A 97 -13.50 18.35 -20.71
C LEU A 97 -11.99 18.45 -20.44
N HIS A 98 -11.31 19.01 -21.45
CA HIS A 98 -9.84 19.07 -21.63
C HIS A 98 -9.55 20.08 -22.76
N GLU A 99 -8.72 19.73 -23.73
CA GLU A 99 -8.36 20.64 -24.86
C GLU A 99 -7.55 19.84 -25.87
N SER A 100 -8.22 18.99 -26.67
CA SER A 100 -7.61 17.77 -27.26
C SER A 100 -7.20 17.97 -28.72
N ASP A 101 -6.90 19.19 -29.17
CA ASP A 101 -6.11 19.45 -30.41
C ASP A 101 -6.31 20.88 -30.92
N GLY A 102 -5.89 21.89 -30.15
CA GLY A 102 -6.01 23.32 -30.50
C GLY A 102 -7.37 23.90 -30.15
N LEU A 103 -8.44 23.17 -30.44
CA LEU A 103 -9.81 23.47 -29.95
C LEU A 103 -9.98 22.75 -28.62
N THR A 104 -11.05 23.10 -27.88
CA THR A 104 -11.24 22.69 -26.46
C THR A 104 -12.70 22.30 -26.27
N VAL A 105 -12.94 21.04 -25.89
CA VAL A 105 -14.15 20.25 -26.24
C VAL A 105 -15.10 20.14 -25.05
N LEU A 106 -16.42 20.21 -25.30
CA LEU A 106 -17.50 19.66 -24.47
C LEU A 106 -17.36 18.17 -24.23
N GLU A 107 -18.03 17.63 -23.18
CA GLU A 107 -18.44 16.21 -23.08
C GLU A 107 -19.80 16.09 -22.37
N LEU A 108 -20.68 17.10 -22.54
CA LEU A 108 -22.09 17.17 -22.03
C LEU A 108 -22.75 15.79 -22.04
N GLU A 109 -22.99 15.18 -20.85
CA GLU A 109 -23.24 13.72 -20.67
C GLU A 109 -23.78 13.45 -19.27
N PRO A 110 -24.63 12.40 -19.05
CA PRO A 110 -25.58 12.35 -17.94
C PRO A 110 -25.12 12.78 -16.56
N ALA A 111 -25.56 12.10 -15.50
CA ALA A 111 -25.39 12.55 -14.11
C ALA A 111 -25.66 11.42 -13.11
N GLU A 112 -25.42 11.71 -11.84
CA GLU A 112 -25.84 10.83 -10.72
C GLU A 112 -27.30 11.11 -10.35
N LEU A 113 -28.14 10.07 -10.52
CA LEU A 113 -29.60 10.11 -10.30
C LEU A 113 -29.91 10.10 -8.80
N GLN A 114 -28.96 9.63 -7.97
CA GLN A 114 -29.20 9.44 -6.52
C GLN A 114 -27.90 9.54 -5.73
N PRO A 115 -27.85 10.39 -4.67
CA PRO A 115 -26.62 10.66 -3.91
C PRO A 115 -25.96 9.47 -3.18
N GLY A 116 -26.41 8.25 -3.46
CA GLY A 116 -25.75 7.03 -2.96
C GLY A 116 -24.46 6.75 -3.71
N MET A 117 -24.47 7.03 -5.02
CA MET A 117 -23.36 6.69 -5.95
C MET A 117 -22.03 6.82 -5.21
N GLU A 118 -21.86 7.94 -4.49
CA GLU A 118 -20.70 8.32 -3.66
C GLU A 118 -20.76 7.51 -2.34
N GLU A 119 -21.84 7.67 -1.56
CA GLU A 119 -22.10 6.86 -0.33
C GLU A 119 -21.48 5.47 -0.51
N THR A 120 -22.02 4.67 -1.43
CA THR A 120 -21.50 3.33 -1.80
C THR A 120 -20.01 3.48 -2.08
N ALA A 121 -19.61 4.38 -2.99
CA ALA A 121 -18.24 4.58 -3.53
C ALA A 121 -17.21 4.58 -2.39
N LEU A 122 -17.51 5.23 -1.27
CA LEU A 122 -16.55 5.34 -0.14
C LEU A 122 -16.47 4.00 0.59
N GLU A 123 -17.59 3.44 1.02
CA GLU A 123 -17.61 2.22 1.87
C GLU A 123 -16.99 1.00 1.18
N VAL A 124 -17.07 0.92 -0.15
CA VAL A 124 -16.44 -0.21 -0.89
C VAL A 124 -14.94 0.07 -0.97
N VAL A 125 -14.50 1.31 -0.71
CA VAL A 125 -13.07 1.64 -0.45
C VAL A 125 -12.61 0.92 0.84
N ARG A 126 -13.46 0.90 1.87
CA ARG A 126 -13.22 0.20 3.18
C ARG A 126 -13.02 -1.32 3.00
N ARG A 127 -13.95 -2.00 2.32
CA ARG A 127 -13.90 -3.47 2.12
C ARG A 127 -12.52 -3.81 1.58
N LEU A 128 -12.03 -3.02 0.61
CA LEU A 128 -10.79 -3.29 -0.19
C LEU A 128 -9.58 -2.67 0.53
N VAL A 129 -9.60 -2.47 1.84
CA VAL A 129 -8.51 -1.68 2.51
C VAL A 129 -8.25 -2.13 3.97
N SER A 130 -9.25 -2.27 4.83
CA SER A 130 -9.08 -2.52 6.29
C SER A 130 -7.78 -3.26 6.58
N PRO A 131 -6.96 -2.85 7.58
CA PRO A 131 -5.65 -3.44 7.84
C PRO A 131 -5.76 -4.81 8.55
N LEU A 132 -5.54 -5.86 7.75
CA LEU A 132 -6.00 -7.28 7.88
C LEU A 132 -6.65 -7.72 6.56
N ALA A 133 -6.52 -6.91 5.51
CA ALA A 133 -6.83 -7.31 4.11
C ALA A 133 -5.68 -8.19 3.61
N GLY A 134 -5.89 -8.93 2.52
CA GLY A 134 -4.96 -9.99 2.06
C GLY A 134 -4.44 -10.80 3.25
N VAL A 135 -5.36 -11.52 3.91
CA VAL A 135 -5.06 -12.49 5.01
C VAL A 135 -5.91 -13.74 4.79
N LYS A 136 -5.89 -14.23 3.54
CA LYS A 136 -6.43 -15.54 3.07
C LYS A 136 -6.24 -15.58 1.56
N GLY A 137 -4.98 -15.36 1.12
CA GLY A 137 -4.56 -15.30 -0.30
C GLY A 137 -4.24 -13.88 -0.73
N THR A 138 -3.73 -13.75 -1.96
CA THR A 138 -3.75 -12.51 -2.77
C THR A 138 -4.68 -12.73 -3.98
N GLN A 139 -4.89 -13.98 -4.40
CA GLN A 139 -6.08 -14.40 -5.20
C GLN A 139 -7.30 -13.68 -4.60
N ALA A 140 -7.43 -13.77 -3.27
CA ALA A 140 -8.51 -13.17 -2.45
C ALA A 140 -8.37 -11.64 -2.38
N LEU A 141 -7.16 -11.12 -2.14
CA LEU A 141 -6.88 -9.66 -2.09
C LEU A 141 -7.51 -9.05 -3.34
N LEU A 142 -6.83 -9.27 -4.49
CA LEU A 142 -7.27 -9.03 -5.90
C LEU A 142 -8.80 -9.12 -5.99
N GLN A 143 -9.33 -10.27 -5.57
CA GLN A 143 -10.75 -10.68 -5.72
C GLN A 143 -11.64 -9.80 -4.82
N THR A 144 -11.25 -9.63 -3.56
CA THR A 144 -11.98 -8.86 -2.51
C THR A 144 -12.34 -7.48 -3.07
N ALA A 145 -11.36 -6.76 -3.63
CA ALA A 145 -11.52 -5.45 -4.30
C ALA A 145 -12.42 -5.59 -5.54
N ALA A 146 -12.05 -6.49 -6.44
CA ALA A 146 -12.81 -6.83 -7.68
C ALA A 146 -14.30 -7.01 -7.40
N ASP A 147 -14.64 -7.63 -6.26
CA ASP A 147 -16.03 -7.84 -5.74
C ASP A 147 -16.76 -6.53 -5.39
N THR A 148 -15.99 -5.51 -5.00
CA THR A 148 -16.46 -4.17 -4.57
C THR A 148 -16.32 -3.13 -5.69
N VAL A 149 -15.72 -3.51 -6.81
CA VAL A 149 -15.84 -2.73 -8.08
C VAL A 149 -17.29 -2.99 -8.52
N ARG A 150 -17.58 -4.24 -8.88
CA ARG A 150 -18.83 -4.69 -9.54
C ARG A 150 -20.05 -4.22 -8.71
N ALA A 151 -19.92 -4.26 -7.38
CA ALA A 151 -20.92 -3.80 -6.38
C ALA A 151 -21.52 -2.43 -6.74
N LEU A 152 -20.67 -1.51 -7.21
CA LEU A 152 -21.02 -0.13 -7.67
C LEU A 152 -21.56 -0.23 -9.11
N THR A 153 -20.67 -0.57 -10.04
CA THR A 153 -20.77 -0.38 -11.52
C THR A 153 -22.07 -0.98 -12.06
N GLY A 154 -22.77 -1.77 -11.23
CA GLY A 154 -24.02 -2.48 -11.62
C GLY A 154 -23.72 -3.74 -12.42
N PHE A 155 -22.90 -3.60 -13.47
CA PHE A 155 -22.48 -4.63 -14.46
C PHE A 155 -22.59 -6.05 -13.85
N ASP A 156 -22.53 -7.08 -14.72
CA ASP A 156 -23.00 -8.47 -14.45
C ASP A 156 -21.86 -9.50 -14.60
N ARG A 157 -20.62 -9.05 -14.81
CA ARG A 157 -19.45 -9.93 -15.03
C ARG A 157 -18.23 -9.02 -14.99
N VAL A 158 -17.46 -9.08 -13.90
CA VAL A 158 -16.19 -8.34 -13.65
C VAL A 158 -15.01 -9.33 -13.71
N MET A 159 -13.82 -8.88 -14.12
CA MET A 159 -12.67 -9.75 -14.42
C MET A 159 -11.43 -9.42 -13.57
N VAL A 160 -10.77 -8.28 -13.75
CA VAL A 160 -9.44 -8.05 -13.11
C VAL A 160 -8.48 -9.11 -13.68
N TYR A 161 -7.76 -8.85 -14.77
CA TYR A 161 -6.85 -9.90 -15.29
C TYR A 161 -5.51 -9.32 -15.76
N ARG A 162 -4.51 -10.18 -15.66
CA ARG A 162 -3.05 -9.91 -15.63
C ARG A 162 -2.51 -10.40 -16.98
N PHE A 163 -1.59 -9.64 -17.61
CA PHE A 163 -0.82 -10.11 -18.79
C PHE A 163 0.54 -10.63 -18.30
N ASP A 164 0.83 -11.90 -18.60
CA ASP A 164 2.03 -12.62 -18.12
C ASP A 164 3.07 -12.62 -19.24
N ALA A 165 4.35 -12.40 -18.90
CA ALA A 165 5.54 -12.59 -19.76
C ALA A 165 5.31 -11.89 -21.11
N ASP A 166 4.74 -12.58 -22.10
CA ASP A 166 4.28 -12.00 -23.37
C ASP A 166 3.25 -10.92 -23.05
N TRP A 167 2.49 -10.45 -24.07
CA TRP A 167 1.39 -9.48 -23.87
C TRP A 167 0.09 -10.25 -24.09
N HIS A 168 0.11 -11.49 -23.64
CA HIS A 168 -1.07 -12.40 -23.51
C HIS A 168 -1.43 -12.49 -22.03
N GLY A 169 -2.51 -13.19 -21.66
CA GLY A 169 -2.97 -13.29 -20.26
C GLY A 169 -4.20 -14.19 -20.04
N GLU A 170 -4.72 -14.21 -18.81
CA GLU A 170 -5.76 -15.19 -18.40
C GLU A 170 -6.63 -14.65 -17.24
N VAL A 171 -7.95 -14.75 -17.43
CA VAL A 171 -9.04 -14.33 -16.49
C VAL A 171 -8.86 -15.04 -15.17
N LEU A 172 -8.27 -14.40 -14.18
CA LEU A 172 -7.85 -15.12 -12.96
C LEU A 172 -8.72 -14.67 -11.80
N ALA A 173 -9.79 -13.93 -12.10
CA ALA A 173 -10.78 -13.48 -11.11
C ALA A 173 -12.17 -13.43 -11.74
N GLU A 174 -13.19 -13.84 -11.00
CA GLU A 174 -14.61 -13.87 -11.45
C GLU A 174 -15.42 -12.99 -10.48
N SER A 175 -16.67 -13.41 -10.17
CA SER A 175 -17.75 -12.75 -9.39
C SER A 175 -18.89 -12.29 -10.33
N LYS A 176 -19.66 -13.27 -10.82
CA LYS A 176 -20.88 -13.06 -11.64
C LYS A 176 -22.11 -13.08 -10.72
N ARG A 177 -23.30 -13.34 -11.25
CA ARG A 177 -24.56 -13.38 -10.45
C ARG A 177 -25.13 -14.81 -10.52
N GLY A 178 -26.41 -15.01 -10.86
CA GLY A 178 -26.94 -16.35 -11.19
C GLY A 178 -26.48 -16.77 -12.57
N GLY A 179 -26.77 -18.00 -13.00
CA GLY A 179 -26.59 -18.45 -14.39
C GLY A 179 -25.90 -17.41 -15.25
N MET A 180 -24.60 -17.21 -14.98
CA MET A 180 -23.69 -16.37 -15.77
C MET A 180 -22.48 -17.21 -16.20
N ASP A 181 -22.34 -17.40 -17.50
CA ASP A 181 -21.19 -18.12 -18.10
C ASP A 181 -19.94 -17.44 -17.52
N GLY A 182 -18.93 -18.23 -17.17
CA GLY A 182 -17.86 -17.76 -16.29
C GLY A 182 -16.53 -18.24 -16.79
N PHE A 183 -15.48 -17.43 -16.57
CA PHE A 183 -14.10 -17.74 -16.97
C PHE A 183 -13.23 -17.98 -15.73
N LEU A 184 -13.87 -18.01 -14.55
CA LEU A 184 -13.29 -18.37 -13.21
C LEU A 184 -11.75 -18.47 -13.31
N GLY A 185 -11.25 -19.52 -13.98
CA GLY A 185 -9.81 -19.83 -14.09
C GLY A 185 -9.37 -20.01 -15.53
N MET A 186 -10.30 -19.80 -16.48
CA MET A 186 -10.12 -19.84 -17.98
C MET A 186 -9.12 -18.76 -18.40
N HIS A 187 -8.83 -18.69 -19.71
CA HIS A 187 -7.51 -18.29 -20.32
C HIS A 187 -7.76 -17.82 -21.77
N PHE A 188 -7.17 -16.70 -22.27
CA PHE A 188 -7.21 -16.35 -23.72
C PHE A 188 -6.19 -15.33 -24.25
N PRO A 189 -6.01 -15.32 -25.59
CA PRO A 189 -5.00 -14.62 -26.38
C PRO A 189 -3.99 -13.53 -26.02
N ALA A 190 -3.67 -12.73 -27.05
CA ALA A 190 -2.76 -11.56 -27.06
C ALA A 190 -3.31 -10.53 -28.06
N THR A 191 -3.80 -11.01 -29.21
CA THR A 191 -4.38 -10.19 -30.31
C THR A 191 -5.80 -9.76 -29.94
N ASP A 192 -5.98 -9.23 -28.74
CA ASP A 192 -7.29 -8.74 -28.25
C ASP A 192 -7.12 -7.24 -27.97
N ILE A 193 -6.33 -6.90 -26.95
CA ILE A 193 -6.00 -5.48 -26.61
C ILE A 193 -4.63 -5.21 -27.22
N PRO A 194 -4.57 -4.99 -28.56
CA PRO A 194 -3.32 -5.10 -29.31
C PRO A 194 -2.59 -3.76 -29.28
N VAL A 195 -1.29 -3.76 -29.61
CA VAL A 195 -0.33 -2.61 -29.52
C VAL A 195 -1.09 -1.28 -29.40
N GLN A 196 -1.99 -1.00 -30.33
CA GLN A 196 -2.77 0.28 -30.43
C GLN A 196 -3.36 0.63 -29.06
N ALA A 197 -4.06 -0.32 -28.45
CA ALA A 197 -4.62 -0.24 -27.09
C ALA A 197 -3.51 -0.40 -26.04
N ARG A 198 -3.13 0.71 -25.43
CA ARG A 198 -2.14 0.82 -24.32
C ARG A 198 -0.88 1.50 -24.85
N ALA A 199 -0.52 2.61 -24.23
CA ALA A 199 -0.08 3.86 -24.89
C ALA A 199 -1.28 4.81 -24.84
N LEU A 200 -2.47 4.30 -25.18
CA LEU A 200 -3.78 4.99 -25.02
C LEU A 200 -4.35 4.66 -23.64
N TYR A 201 -3.99 3.50 -23.10
CA TYR A 201 -4.50 3.00 -21.80
C TYR A 201 -3.69 3.51 -20.60
N THR A 202 -2.41 3.76 -20.79
CA THR A 202 -1.48 4.14 -19.72
C THR A 202 -1.79 5.60 -19.32
N ARG A 203 -2.22 6.45 -20.26
CA ARG A 203 -2.46 7.91 -20.00
C ARG A 203 -3.86 8.18 -19.38
N ASN A 204 -4.88 7.41 -19.77
CA ASN A 204 -6.24 7.54 -19.18
C ASN A 204 -6.81 6.15 -19.00
N PRO A 205 -7.09 5.70 -17.75
CA PRO A 205 -7.58 4.33 -17.55
C PRO A 205 -8.79 4.08 -18.48
N LEU A 206 -9.94 3.70 -17.91
CA LEU A 206 -11.37 3.90 -18.35
C LEU A 206 -11.63 3.96 -19.86
N ARG A 207 -12.60 3.16 -20.31
CA ARG A 207 -13.26 3.19 -21.64
C ARG A 207 -14.69 2.65 -21.46
N LEU A 208 -15.67 3.27 -22.13
CA LEU A 208 -17.10 2.84 -22.00
C LEU A 208 -17.80 2.77 -23.34
N ILE A 209 -18.04 1.53 -23.78
CA ILE A 209 -19.03 1.13 -24.83
C ILE A 209 -20.24 0.61 -24.06
N ALA A 210 -21.29 1.42 -23.84
CA ALA A 210 -22.45 1.14 -22.95
C ALA A 210 -23.71 0.66 -23.69
N ASP A 211 -24.03 1.18 -24.87
CA ASP A 211 -25.09 0.53 -25.70
C ASP A 211 -24.40 -0.11 -26.90
N ALA A 212 -23.15 -0.52 -26.62
CA ALA A 212 -22.44 -1.66 -27.24
C ALA A 212 -23.41 -2.56 -27.97
N ARG A 213 -23.88 -2.09 -29.13
CA ARG A 213 -24.89 -2.72 -30.04
C ARG A 213 -25.63 -1.64 -30.84
N ALA A 214 -25.99 -0.53 -30.21
CA ALA A 214 -26.44 0.70 -30.90
C ALA A 214 -25.25 1.25 -31.71
N ARG A 215 -25.50 1.81 -32.89
CA ARG A 215 -24.44 2.15 -33.90
C ARG A 215 -23.90 3.55 -33.62
N PRO A 216 -22.63 3.83 -33.99
CA PRO A 216 -21.95 5.05 -33.58
C PRO A 216 -22.81 6.24 -34.03
N VAL A 217 -22.19 7.35 -34.43
CA VAL A 217 -22.84 8.36 -35.32
C VAL A 217 -21.89 9.53 -35.59
N PRO A 218 -21.73 9.91 -36.88
CA PRO A 218 -20.81 10.98 -37.28
C PRO A 218 -20.71 12.14 -36.29
N LEU A 219 -19.75 13.01 -36.58
CA LEU A 219 -19.66 14.40 -36.05
C LEU A 219 -19.05 15.26 -37.16
N LEU A 220 -19.85 16.14 -37.75
CA LEU A 220 -19.52 17.16 -38.78
C LEU A 220 -18.21 17.88 -38.48
N PRO A 221 -17.22 17.90 -39.41
CA PRO A 221 -17.37 17.38 -40.75
C PRO A 221 -16.48 16.26 -41.27
N PRO A 222 -16.56 15.03 -40.74
CA PRO A 222 -15.47 14.07 -40.66
C PRO A 222 -13.98 14.44 -40.67
N VAL A 223 -13.52 15.55 -41.23
CA VAL A 223 -12.08 15.95 -41.14
C VAL A 223 -11.98 17.43 -40.78
N VAL A 224 -10.96 17.80 -40.00
CA VAL A 224 -10.91 19.14 -39.33
C VAL A 224 -10.43 20.20 -40.32
N PRO A 225 -11.06 21.38 -40.40
CA PRO A 225 -10.66 22.38 -41.38
C PRO A 225 -9.13 22.43 -41.46
N ALA A 226 -8.42 22.72 -40.36
CA ALA A 226 -7.01 23.16 -40.36
C ALA A 226 -6.08 22.12 -39.67
N LEU A 227 -6.09 20.89 -40.20
CA LEU A 227 -5.39 19.72 -39.59
C LEU A 227 -5.39 18.54 -40.57
N GLY A 228 -6.51 17.87 -40.82
CA GLY A 228 -6.46 16.79 -41.81
C GLY A 228 -7.53 15.75 -41.63
N ARG A 229 -7.36 14.92 -40.60
CA ARG A 229 -8.15 13.70 -40.34
C ARG A 229 -9.28 14.03 -39.35
N PRO A 230 -10.17 13.05 -39.10
CA PRO A 230 -11.03 13.08 -37.91
C PRO A 230 -10.29 13.56 -36.65
N LEU A 231 -10.95 14.45 -35.91
CA LEU A 231 -10.55 15.03 -34.60
C LEU A 231 -9.17 14.52 -34.20
N ASP A 232 -9.15 13.38 -33.52
CA ASP A 232 -8.16 12.94 -32.49
C ASP A 232 -8.82 13.20 -31.13
N LEU A 233 -9.91 12.46 -30.94
CA LEU A 233 -10.70 12.34 -29.71
C LEU A 233 -10.08 11.24 -28.83
N SER A 234 -8.79 11.37 -28.55
CA SER A 234 -7.98 10.36 -27.84
C SER A 234 -8.43 10.31 -26.39
N ASN A 235 -8.36 11.45 -25.72
CA ASN A 235 -8.75 11.63 -24.30
C ASN A 235 -10.17 12.16 -24.27
N SER A 236 -11.13 11.35 -23.79
CA SER A 236 -12.61 11.56 -23.90
C SER A 236 -13.37 10.45 -23.15
N ALA A 237 -14.67 10.30 -23.38
CA ALA A 237 -15.52 9.53 -22.44
C ALA A 237 -16.72 8.93 -23.17
N LEU A 238 -17.40 9.72 -24.01
CA LEU A 238 -18.30 9.19 -25.07
C LEU A 238 -17.61 9.33 -26.41
N ARG A 239 -16.45 8.68 -26.54
CA ARG A 239 -15.82 8.23 -27.83
C ARG A 239 -16.65 7.06 -28.35
N SER A 240 -16.22 6.41 -29.43
CA SER A 240 -16.54 5.00 -29.75
C SER A 240 -15.25 4.19 -29.75
N VAL A 241 -15.00 3.39 -30.78
CA VAL A 241 -13.97 2.31 -30.75
C VAL A 241 -13.73 1.77 -32.15
N SER A 242 -12.54 1.21 -32.38
CA SER A 242 -12.27 0.39 -33.59
C SER A 242 -13.56 -0.38 -33.87
N PRO A 243 -14.10 -0.35 -35.12
CA PRO A 243 -15.44 -0.90 -35.40
C PRO A 243 -15.47 -2.43 -35.25
N VAL A 244 -14.43 -2.97 -34.59
CA VAL A 244 -14.06 -4.42 -34.48
C VAL A 244 -14.23 -4.88 -33.03
N HIS A 245 -13.90 -4.06 -32.04
CA HIS A 245 -13.90 -4.50 -30.62
C HIS A 245 -15.34 -4.77 -30.16
N LEU A 246 -16.23 -3.81 -30.38
CA LEU A 246 -17.70 -3.96 -30.17
C LEU A 246 -18.27 -4.96 -31.17
N GLU A 247 -17.41 -5.42 -32.09
CA GLU A 247 -17.74 -6.35 -33.20
C GLU A 247 -17.56 -7.77 -32.69
N TYR A 248 -16.42 -8.03 -32.06
N TYR A 248 -16.43 -8.07 -32.06
CA TYR A 248 -16.14 -9.22 -31.22
CA TYR A 248 -16.23 -9.32 -31.29
C TYR A 248 -16.82 -9.04 -29.86
C TYR A 248 -16.84 -9.09 -29.90
N LEU A 249 -18.11 -8.72 -29.91
CA LEU A 249 -19.03 -8.67 -28.74
C LEU A 249 -20.40 -9.21 -29.18
N ARG A 250 -20.94 -8.64 -30.26
CA ARG A 250 -22.25 -9.04 -30.85
C ARG A 250 -22.32 -10.57 -30.97
N ASN A 251 -21.17 -11.26 -30.92
CA ASN A 251 -21.10 -12.74 -30.95
C ASN A 251 -20.65 -13.26 -29.58
N MET A 252 -21.15 -12.61 -28.51
CA MET A 252 -21.02 -13.02 -27.08
C MET A 252 -22.26 -12.57 -26.32
N GLY A 253 -22.30 -12.79 -25.01
CA GLY A 253 -23.39 -12.29 -24.13
C GLY A 253 -23.37 -10.78 -23.98
N VAL A 254 -22.62 -10.08 -24.86
CA VAL A 254 -22.41 -8.61 -25.01
C VAL A 254 -23.50 -7.75 -24.35
N GLY A 255 -23.15 -7.07 -23.25
CA GLY A 255 -23.95 -6.02 -22.59
C GLY A 255 -23.42 -4.62 -22.89
N ALA A 256 -22.17 -4.38 -22.50
CA ALA A 256 -21.40 -3.15 -22.79
C ALA A 256 -20.17 -3.05 -21.89
N SER A 257 -18.95 -2.97 -22.45
CA SER A 257 -17.69 -3.13 -21.70
C SER A 257 -17.54 -2.01 -20.64
N PHE A 258 -16.53 -2.11 -19.76
CA PHE A 258 -16.14 -1.07 -18.78
C PHE A 258 -14.83 -1.48 -18.14
N SER A 259 -13.73 -0.85 -18.57
CA SER A 259 -12.36 -1.37 -18.40
C SER A 259 -11.51 -0.28 -17.79
N LEU A 260 -10.41 -0.65 -17.12
CA LEU A 260 -9.59 0.21 -16.23
C LEU A 260 -8.12 -0.11 -16.44
N SER A 261 -7.26 0.79 -15.96
CA SER A 261 -5.80 0.59 -15.87
C SER A 261 -5.47 0.14 -14.44
N LEU A 262 -4.52 -0.78 -14.31
CA LEU A 262 -3.86 -1.10 -13.03
C LEU A 262 -2.36 -0.84 -13.16
N LEU A 263 -1.95 0.02 -14.11
CA LEU A 263 -0.58 0.57 -14.18
C LEU A 263 0.06 0.39 -12.81
N LYS A 264 0.88 -0.65 -12.64
CA LYS A 264 1.41 -1.03 -11.33
C LYS A 264 2.84 -0.53 -11.26
N GLU A 265 3.11 0.35 -10.29
CA GLU A 265 4.33 1.20 -10.32
C GLU A 265 4.34 1.88 -11.70
N GLY A 266 5.01 1.31 -12.72
CA GLY A 266 5.17 1.95 -14.06
C GLY A 266 4.25 1.34 -15.13
N VAL A 267 4.28 0.01 -15.21
CA VAL A 267 3.87 -0.78 -16.41
C VAL A 267 2.43 -1.21 -16.18
N LEU A 268 1.80 -1.85 -17.18
CA LEU A 268 0.35 -2.16 -17.21
C LEU A 268 0.09 -3.63 -16.81
N TRP A 269 -0.24 -3.83 -15.53
CA TRP A 269 -0.37 -5.13 -14.81
C TRP A 269 -1.68 -5.78 -15.20
N GLY A 270 -2.47 -5.05 -15.98
CA GLY A 270 -3.50 -5.65 -16.84
C GLY A 270 -4.66 -4.70 -17.02
N LEU A 271 -5.82 -5.06 -16.48
CA LEU A 271 -7.01 -4.21 -16.50
C LEU A 271 -8.20 -5.02 -16.00
N ILE A 272 -9.41 -4.46 -16.03
CA ILE A 272 -10.60 -5.08 -15.38
C ILE A 272 -11.86 -4.57 -16.07
N ALA A 273 -12.29 -5.28 -17.10
CA ALA A 273 -13.52 -4.96 -17.86
C ALA A 273 -14.65 -5.60 -17.09
N CYS A 274 -15.89 -5.11 -17.33
CA CYS A 274 -17.17 -5.71 -16.90
C CYS A 274 -18.31 -5.36 -17.85
N HIS A 275 -18.99 -6.37 -18.41
CA HIS A 275 -20.20 -6.20 -19.26
C HIS A 275 -21.40 -6.87 -18.61
N HIS A 276 -22.58 -6.40 -19.00
CA HIS A 276 -23.94 -6.86 -18.62
C HIS A 276 -24.38 -7.96 -19.59
N LEU A 277 -25.65 -8.38 -19.55
CA LEU A 277 -26.34 -9.04 -20.69
C LEU A 277 -27.02 -7.99 -21.58
N GLU A 278 -27.12 -6.73 -21.15
CA GLU A 278 -27.57 -5.61 -22.01
C GLU A 278 -27.40 -4.25 -21.32
N PRO A 279 -27.50 -3.14 -22.09
CA PRO A 279 -27.22 -1.79 -21.64
C PRO A 279 -27.15 -1.30 -20.19
N LEU A 280 -26.37 -0.25 -19.97
CA LEU A 280 -26.08 0.39 -18.66
C LEU A 280 -25.47 1.75 -18.97
N HIS A 281 -24.47 2.20 -18.20
CA HIS A 281 -23.96 3.60 -18.13
C HIS A 281 -23.54 3.88 -16.69
N ILE A 282 -22.49 4.65 -16.47
CA ILE A 282 -22.11 5.14 -15.12
C ILE A 282 -21.57 6.57 -15.34
N SER A 283 -21.23 7.34 -14.29
CA SER A 283 -21.03 8.81 -14.34
C SER A 283 -19.58 9.24 -14.12
N HIS A 284 -19.24 10.48 -14.51
CA HIS A 284 -17.94 11.19 -14.32
C HIS A 284 -17.34 10.89 -12.96
N GLU A 285 -18.15 10.89 -11.90
CA GLU A 285 -17.66 10.82 -10.49
C GLU A 285 -17.54 9.33 -10.14
N ARG A 286 -18.47 8.54 -10.67
CA ARG A 286 -18.55 7.08 -10.48
C ARG A 286 -17.51 6.37 -11.34
N ARG A 287 -17.13 6.98 -12.47
CA ARG A 287 -15.96 6.54 -13.25
C ARG A 287 -14.73 6.75 -12.34
N ARG A 288 -14.48 8.01 -11.93
CA ARG A 288 -13.31 8.39 -11.07
C ARG A 288 -13.25 7.46 -9.85
N ALA A 289 -14.43 7.04 -9.37
CA ALA A 289 -14.61 6.08 -8.26
C ALA A 289 -14.13 4.70 -8.72
N CYS A 290 -14.57 4.26 -9.89
CA CYS A 290 -13.95 3.13 -10.61
C CYS A 290 -12.43 3.22 -10.58
N GLU A 291 -11.90 4.23 -11.31
CA GLU A 291 -10.47 4.63 -11.41
C GLU A 291 -9.81 4.45 -10.05
N VAL A 292 -10.26 5.19 -9.03
CA VAL A 292 -9.60 5.24 -7.69
C VAL A 292 -9.31 3.82 -7.18
N LEU A 293 -10.23 2.88 -7.40
CA LEU A 293 -10.11 1.52 -6.83
C LEU A 293 -9.12 0.66 -7.62
N THR A 294 -8.88 0.93 -8.91
CA THR A 294 -7.89 0.12 -9.67
C THR A 294 -6.50 0.64 -9.32
N GLN A 295 -6.34 1.95 -9.08
CA GLN A 295 -5.15 2.49 -8.38
C GLN A 295 -4.91 1.66 -7.12
N LEU A 296 -6.00 1.13 -6.57
CA LEU A 296 -5.96 0.46 -5.28
C LEU A 296 -5.25 -0.87 -5.37
N LEU A 297 -5.93 -1.98 -5.71
CA LEU A 297 -5.21 -3.29 -5.78
C LEU A 297 -3.81 -3.03 -6.32
N ALA A 298 -3.65 -2.27 -7.42
CA ALA A 298 -2.35 -1.99 -8.05
C ALA A 298 -1.35 -1.61 -6.95
N LEU A 299 -1.61 -0.52 -6.24
CA LEU A 299 -0.81 -0.08 -5.05
C LEU A 299 -0.74 -1.23 -4.04
N GLN A 300 -1.87 -1.90 -3.83
CA GLN A 300 -1.99 -3.03 -2.89
C GLN A 300 -0.98 -4.15 -3.25
N LEU A 301 -1.09 -4.80 -4.43
CA LEU A 301 -0.19 -5.94 -4.77
C LEU A 301 1.23 -5.46 -5.14
N SER A 302 1.50 -4.15 -5.21
CA SER A 302 2.89 -3.62 -5.24
C SER A 302 3.48 -3.91 -3.86
N ALA A 303 2.75 -3.46 -2.85
CA ALA A 303 3.05 -3.55 -1.40
C ALA A 303 3.15 -5.01 -0.94
N GLU A 304 2.71 -5.96 -1.78
CA GLU A 304 2.65 -7.41 -1.42
C GLU A 304 3.82 -8.15 -2.07
N GLU A 305 4.04 -8.01 -3.38
CA GLU A 305 5.33 -8.51 -3.92
C GLU A 305 6.43 -7.86 -3.10
N ARG A 306 6.44 -6.52 -2.97
CA ARG A 306 7.61 -5.79 -2.43
C ARG A 306 7.83 -6.28 -0.99
N ALA A 307 6.78 -6.75 -0.32
CA ALA A 307 6.85 -7.39 1.01
C ALA A 307 7.45 -8.81 0.92
N ALA A 308 6.63 -9.78 0.53
CA ALA A 308 6.94 -11.23 0.46
C ALA A 308 8.26 -11.53 -0.24
N GLU A 309 8.84 -10.59 -0.98
CA GLU A 309 10.30 -10.64 -1.29
C GLU A 309 11.03 -10.59 0.06
N ALA A 310 11.02 -9.43 0.73
CA ALA A 310 11.72 -9.12 2.00
C ALA A 310 11.67 -10.32 2.94
N SER A 311 10.52 -11.02 2.94
CA SER A 311 10.27 -12.25 3.73
C SER A 311 11.17 -13.37 3.22
N GLU A 312 11.15 -13.60 1.91
CA GLU A 312 12.01 -14.63 1.24
C GLU A 312 13.49 -14.37 1.54
N ASP A 313 14.00 -13.16 1.29
CA ASP A 313 15.45 -12.84 1.40
C ASP A 313 15.93 -13.00 2.83
N ALA A 314 15.04 -12.80 3.81
CA ALA A 314 15.30 -13.02 5.26
C ALA A 314 15.14 -14.51 5.57
N HIS A 315 14.21 -15.16 4.86
N HIS A 315 14.23 -15.17 4.84
CA HIS A 315 13.89 -16.61 5.03
CA HIS A 315 13.89 -16.61 5.03
C HIS A 315 15.10 -17.46 4.65
C HIS A 315 14.97 -17.53 4.45
N ARG A 316 15.96 -16.98 3.74
CA ARG A 316 17.15 -17.76 3.26
C ARG A 316 18.47 -17.02 3.50
N ALA A 317 18.46 -16.05 4.42
CA ALA A 317 19.54 -15.85 5.40
C ALA A 317 19.57 -17.11 6.28
N ALA A 318 18.47 -17.37 7.02
CA ALA A 318 18.39 -18.37 8.12
C ALA A 318 18.56 -19.78 7.56
N LEU A 319 18.51 -19.92 6.23
CA LEU A 319 18.90 -21.17 5.51
C LEU A 319 20.42 -21.17 5.38
N LEU A 320 20.93 -20.36 4.46
CA LEU A 320 22.37 -20.04 4.29
C LEU A 320 23.14 -20.21 5.60
N GLY A 321 22.72 -19.49 6.65
CA GLY A 321 23.35 -19.57 7.97
C GLY A 321 23.59 -21.01 8.33
N GLN A 322 22.52 -21.80 8.39
CA GLN A 322 22.59 -23.28 8.58
C GLN A 322 23.81 -23.76 7.78
N LEU A 323 23.84 -23.39 6.50
CA LEU A 323 24.70 -23.95 5.42
C LEU A 323 26.18 -23.66 5.78
N ALA A 324 26.56 -22.38 5.86
CA ALA A 324 27.94 -21.89 6.14
C ALA A 324 28.58 -22.46 7.43
N THR A 325 27.78 -22.90 8.39
CA THR A 325 28.28 -23.45 9.67
C THR A 325 28.18 -24.97 9.66
N ALA A 326 27.92 -25.53 8.47
CA ALA A 326 28.44 -26.85 8.05
C ALA A 326 29.78 -26.60 7.36
N MET A 327 29.75 -25.72 6.35
CA MET A 327 30.87 -25.20 5.51
C MET A 327 32.13 -24.86 6.31
N GLY A 328 31.99 -24.30 7.52
CA GLY A 328 33.09 -23.93 8.42
C GLY A 328 33.09 -24.77 9.70
N GLU A 329 33.40 -26.07 9.55
CA GLU A 329 33.46 -27.11 10.63
C GLU A 329 34.49 -28.17 10.23
N GLY A 330 34.12 -29.05 9.29
CA GLY A 330 34.80 -30.33 9.00
C GLY A 330 35.89 -30.20 7.95
N GLY A 331 36.08 -31.28 7.18
CA GLY A 331 37.34 -31.61 6.50
C GLY A 331 37.48 -30.93 5.15
N THR A 332 36.53 -31.14 4.25
CA THR A 332 36.58 -30.56 2.89
C THR A 332 35.15 -30.42 2.36
N LEU A 333 35.03 -29.93 1.14
CA LEU A 333 33.74 -29.61 0.51
C LEU A 333 32.92 -30.88 0.29
N GLU A 334 33.50 -31.90 -0.35
CA GLU A 334 32.74 -33.05 -0.94
C GLU A 334 32.01 -33.74 0.24
N GLU A 335 32.71 -33.83 1.39
CA GLU A 335 32.24 -34.41 2.69
C GLU A 335 31.08 -33.60 3.29
N VAL A 336 31.29 -32.30 3.47
CA VAL A 336 30.30 -31.40 4.13
C VAL A 336 29.03 -31.35 3.25
N LEU A 337 29.23 -31.10 1.94
CA LEU A 337 28.17 -31.09 0.89
C LEU A 337 27.32 -32.36 0.93
N GLU A 338 27.86 -33.54 1.24
CA GLU A 338 27.07 -34.80 1.01
C GLU A 338 25.67 -34.63 1.63
N LYS A 339 25.58 -34.14 2.88
CA LYS A 339 24.28 -33.88 3.56
C LYS A 339 23.80 -32.48 3.17
N GLU A 340 24.65 -31.48 3.42
CA GLU A 340 24.35 -30.06 3.15
C GLU A 340 24.01 -29.85 1.68
N SER A 341 24.22 -30.89 0.85
CA SER A 341 23.74 -31.00 -0.54
C SER A 341 22.24 -30.70 -0.55
N GLU A 342 21.48 -31.67 -0.08
CA GLU A 342 20.03 -31.55 0.20
C GLU A 342 19.68 -30.14 0.68
N ARG A 343 20.54 -29.46 1.44
CA ARG A 343 20.20 -28.12 2.01
C ARG A 343 20.50 -27.03 0.98
N VAL A 344 21.55 -27.18 0.18
CA VAL A 344 21.82 -26.25 -0.95
C VAL A 344 20.86 -26.62 -2.09
N LEU A 345 20.64 -27.91 -2.33
CA LEU A 345 19.53 -28.30 -3.24
C LEU A 345 18.25 -28.12 -2.41
N ALA A 346 18.04 -26.88 -1.97
CA ALA A 346 16.80 -26.29 -1.40
C ALA A 346 16.86 -24.77 -1.55
N LEU A 347 17.65 -24.27 -2.50
CA LEU A 347 18.14 -22.85 -2.53
C LEU A 347 17.84 -22.16 -3.86
N THR A 348 18.19 -22.80 -4.98
CA THR A 348 17.85 -22.43 -6.38
C THR A 348 16.46 -23.02 -6.64
N GLY A 349 15.55 -22.71 -5.71
CA GLY A 349 14.31 -23.44 -5.41
C GLY A 349 14.50 -24.92 -5.57
N ALA A 350 15.72 -25.36 -5.25
CA ALA A 350 16.25 -26.75 -5.27
C ALA A 350 15.47 -27.72 -6.16
N ALA A 351 16.14 -28.28 -7.16
CA ALA A 351 15.59 -29.37 -7.99
C ALA A 351 16.59 -30.51 -8.07
N GLY A 352 17.78 -30.20 -8.62
CA GLY A 352 18.97 -31.05 -8.85
C GLY A 352 20.21 -30.19 -8.69
N VAL A 353 21.35 -30.50 -9.35
CA VAL A 353 22.67 -29.80 -9.14
C VAL A 353 23.84 -30.43 -9.93
N ALA A 354 24.80 -29.59 -10.37
CA ALA A 354 26.12 -29.98 -10.94
C ALA A 354 27.21 -29.60 -9.95
N LEU A 355 28.46 -29.35 -10.39
CA LEU A 355 29.51 -28.75 -9.52
C LEU A 355 30.93 -28.81 -10.13
N LEU A 356 31.14 -28.31 -11.35
CA LEU A 356 32.42 -28.53 -12.08
C LEU A 356 33.55 -27.68 -11.48
N LEU A 357 34.20 -28.25 -10.45
CA LEU A 357 35.36 -27.69 -9.68
C LEU A 357 36.69 -28.26 -10.17
N GLY A 358 36.92 -28.26 -11.47
CA GLY A 358 38.00 -28.98 -12.16
C GLY A 358 37.62 -30.42 -12.39
N GLU A 359 37.81 -31.25 -11.35
CA GLU A 359 37.64 -32.72 -11.40
C GLU A 359 36.26 -33.08 -11.96
N GLU A 360 36.10 -34.35 -12.36
CA GLU A 360 34.76 -34.90 -12.66
C GLU A 360 33.82 -34.25 -11.65
N PRO A 361 32.67 -33.73 -12.09
CA PRO A 361 31.86 -32.84 -11.24
C PRO A 361 31.40 -33.32 -9.85
N LEU A 362 30.31 -34.08 -9.79
CA LEU A 362 29.41 -34.33 -8.62
C LEU A 362 27.96 -34.26 -9.13
N LEU A 363 27.04 -34.90 -8.40
CA LEU A 363 25.65 -35.17 -8.88
C LEU A 363 24.65 -34.90 -7.76
N VAL A 364 25.10 -34.31 -6.64
CA VAL A 364 24.52 -34.44 -5.26
C VAL A 364 22.99 -34.34 -5.32
N GLY A 365 22.31 -35.46 -5.60
CA GLY A 365 20.85 -35.61 -5.62
C GLY A 365 20.35 -36.25 -6.90
N CYS A 366 19.50 -35.54 -7.64
CA CYS A 366 18.90 -35.95 -8.93
C CYS A 366 19.57 -35.17 -10.07
N THR A 367 20.16 -35.89 -11.04
CA THR A 367 21.02 -35.29 -12.10
C THR A 367 21.02 -36.20 -13.32
N PRO A 368 21.65 -35.79 -14.45
CA PRO A 368 22.00 -36.69 -15.54
C PRO A 368 23.48 -37.13 -15.54
N ALA A 369 24.00 -37.62 -16.67
CA ALA A 369 25.29 -38.36 -16.73
C ALA A 369 26.48 -37.45 -17.01
N GLN A 370 27.61 -37.70 -16.31
CA GLN A 370 28.86 -36.89 -16.27
C GLN A 370 29.25 -36.39 -17.65
N ASP A 371 28.86 -37.07 -18.73
CA ASP A 371 29.20 -36.63 -20.11
C ASP A 371 28.43 -35.34 -20.37
N GLU A 372 27.11 -35.37 -20.17
CA GLU A 372 26.16 -34.25 -20.44
C GLU A 372 26.45 -33.01 -19.56
N VAL A 373 27.16 -33.21 -18.45
CA VAL A 373 27.51 -32.17 -17.43
C VAL A 373 28.77 -31.44 -17.91
N GLU A 374 29.55 -32.13 -18.77
CA GLU A 374 30.77 -31.58 -19.40
C GLU A 374 30.40 -30.98 -20.76
N ALA A 375 29.47 -31.62 -21.47
CA ALA A 375 29.04 -31.19 -22.81
C ALA A 375 28.18 -29.92 -22.71
N LEU A 376 27.81 -29.52 -21.48
CA LEU A 376 27.11 -28.25 -21.14
C LEU A 376 28.10 -27.09 -21.17
N VAL A 377 29.23 -27.24 -20.46
CA VAL A 377 30.28 -26.19 -20.27
C VAL A 377 31.07 -26.05 -21.58
N ALA A 378 31.10 -27.11 -22.40
CA ALA A 378 31.63 -27.08 -23.78
C ALA A 378 30.84 -26.03 -24.57
N TRP A 379 29.52 -26.03 -24.44
CA TRP A 379 28.64 -25.03 -25.12
C TRP A 379 28.73 -23.68 -24.40
N LEU A 380 28.64 -23.73 -23.07
CA LEU A 380 28.45 -22.56 -22.18
C LEU A 380 29.60 -21.56 -22.32
N ALA A 381 30.86 -22.02 -22.19
CA ALA A 381 32.10 -21.19 -22.26
C ALA A 381 32.20 -20.47 -23.62
N THR A 382 31.57 -21.01 -24.68
CA THR A 382 31.65 -20.49 -26.07
C THR A 382 30.67 -19.32 -26.26
N GLN A 383 29.59 -19.22 -25.48
CA GLN A 383 28.54 -18.18 -25.65
C GLN A 383 28.53 -17.24 -24.44
N PRO A 384 27.84 -16.08 -24.51
CA PRO A 384 27.95 -15.04 -23.48
C PRO A 384 27.28 -15.29 -22.12
N PHE A 385 27.84 -14.59 -21.13
CA PHE A 385 27.21 -14.04 -19.88
C PHE A 385 28.30 -13.60 -18.89
N GLN A 386 28.03 -12.53 -18.12
CA GLN A 386 28.94 -12.02 -17.05
C GLN A 386 28.95 -13.08 -15.95
N THR A 387 27.79 -13.72 -15.79
CA THR A 387 27.53 -14.92 -14.96
C THR A 387 26.19 -15.54 -15.36
N SER A 388 25.99 -16.82 -15.06
CA SER A 388 24.65 -17.42 -14.81
C SER A 388 23.70 -17.27 -16.00
N PHE A 389 22.76 -18.20 -16.13
CA PHE A 389 21.91 -18.34 -17.33
C PHE A 389 20.70 -19.24 -17.04
N HIS A 390 19.81 -18.78 -16.15
CA HIS A 390 18.42 -19.28 -16.08
C HIS A 390 17.81 -19.16 -17.48
N THR A 391 17.82 -20.27 -18.21
CA THR A 391 16.89 -20.52 -19.33
C THR A 391 16.04 -21.70 -18.89
N ASP A 392 14.72 -21.56 -18.99
CA ASP A 392 13.73 -22.62 -18.67
C ASP A 392 13.30 -23.29 -19.99
N ARG A 393 13.63 -22.67 -21.14
CA ARG A 393 13.69 -23.36 -22.46
C ARG A 393 15.17 -23.74 -22.69
N LEU A 394 15.57 -24.88 -22.14
CA LEU A 394 16.99 -25.35 -22.18
C LEU A 394 17.11 -26.47 -23.22
N GLY A 395 15.98 -26.82 -23.87
CA GLY A 395 15.84 -27.98 -24.77
C GLY A 395 15.55 -27.53 -26.19
N THR A 396 15.89 -26.28 -26.49
CA THR A 396 15.47 -25.53 -27.70
C THR A 396 16.60 -24.59 -28.13
N VAL A 397 17.03 -23.72 -27.21
CA VAL A 397 18.29 -22.92 -27.33
C VAL A 397 19.51 -23.88 -27.22
N TYR A 398 19.31 -25.11 -26.72
CA TYR A 398 20.37 -26.12 -26.50
C TYR A 398 19.84 -27.56 -26.54
N PRO A 399 19.46 -28.11 -27.72
CA PRO A 399 18.83 -29.43 -27.80
C PRO A 399 19.64 -30.73 -27.81
N PRO A 400 20.98 -30.78 -27.59
CA PRO A 400 21.64 -32.03 -27.18
C PRO A 400 20.87 -32.69 -26.03
N LEU A 401 20.34 -31.84 -25.16
CA LEU A 401 19.52 -32.11 -23.95
C LEU A 401 18.04 -31.81 -24.23
N ALA A 402 17.58 -31.97 -25.46
CA ALA A 402 16.19 -31.67 -25.86
C ALA A 402 15.30 -32.91 -25.71
N ALA A 403 15.35 -33.56 -24.54
CA ALA A 403 14.47 -34.69 -24.18
C ALA A 403 14.51 -34.93 -22.68
N ARG A 404 14.84 -33.91 -21.85
CA ARG A 404 15.13 -34.14 -20.41
C ARG A 404 14.02 -33.60 -19.51
N ALA A 405 12.79 -33.57 -20.01
CA ALA A 405 11.52 -33.37 -19.26
C ALA A 405 11.35 -34.34 -18.07
N ASP A 406 12.45 -34.90 -17.53
CA ASP A 406 12.51 -35.60 -16.24
C ASP A 406 13.42 -34.82 -15.26
N VAL A 407 14.70 -34.70 -15.63
CA VAL A 407 15.85 -34.45 -14.70
C VAL A 407 16.31 -33.00 -14.89
N ALA A 408 16.07 -32.40 -16.06
CA ALA A 408 16.63 -31.08 -16.45
C ALA A 408 15.74 -30.39 -17.49
N ALA A 409 15.36 -29.13 -17.27
CA ALA A 409 14.41 -28.38 -18.14
C ALA A 409 14.87 -26.93 -18.31
N GLY A 410 15.40 -26.34 -17.23
CA GLY A 410 16.29 -25.17 -17.25
C GLY A 410 17.58 -25.50 -16.51
N ILE A 411 18.44 -24.49 -16.32
CA ILE A 411 19.69 -24.61 -15.51
C ILE A 411 19.95 -23.27 -14.84
N LEU A 412 20.90 -23.25 -13.91
CA LEU A 412 21.43 -22.04 -13.24
C LEU A 412 22.96 -22.06 -13.20
N ALA A 413 23.60 -21.12 -13.91
CA ALA A 413 25.06 -20.95 -13.95
C ALA A 413 25.50 -19.88 -12.93
N VAL A 414 26.82 -19.78 -12.75
CA VAL A 414 27.57 -19.05 -11.69
C VAL A 414 29.04 -19.19 -12.11
N ARG A 415 29.75 -18.09 -12.33
CA ARG A 415 31.18 -18.10 -12.74
C ARG A 415 31.99 -18.34 -11.47
N LEU A 416 32.56 -19.54 -11.33
CA LEU A 416 33.42 -19.87 -10.18
C LEU A 416 34.88 -19.79 -10.61
N ALA A 417 35.47 -18.64 -10.25
CA ALA A 417 36.53 -17.90 -10.98
C ALA A 417 35.98 -17.49 -12.34
N PRO A 418 35.97 -16.18 -12.70
CA PRO A 418 35.33 -15.72 -13.93
C PRO A 418 35.94 -16.34 -15.20
N ALA A 419 36.92 -15.66 -15.81
CA ALA A 419 37.46 -15.96 -17.16
C ALA A 419 38.17 -17.32 -17.15
N ALA A 420 37.38 -18.38 -16.98
CA ALA A 420 37.78 -19.76 -16.65
C ALA A 420 36.54 -20.63 -16.70
N ALA A 421 36.67 -21.90 -17.12
CA ALA A 421 35.51 -22.74 -17.54
C ALA A 421 34.92 -23.50 -16.34
N ARG A 422 35.15 -23.06 -15.10
CA ARG A 422 34.57 -23.67 -13.88
C ARG A 422 33.22 -23.03 -13.54
N PHE A 423 32.14 -23.78 -13.76
CA PHE A 423 30.72 -23.45 -13.46
C PHE A 423 30.21 -24.37 -12.35
N ALA A 424 28.90 -24.32 -12.08
CA ALA A 424 28.23 -25.01 -10.94
C ALA A 424 26.70 -24.84 -11.02
N ILE A 425 26.06 -25.76 -11.76
CA ILE A 425 24.82 -25.58 -12.60
C ILE A 425 23.66 -26.40 -11.99
N TRP A 426 22.41 -26.14 -12.42
CA TRP A 426 21.14 -26.69 -11.83
C TRP A 426 20.17 -27.23 -12.88
N PHE A 427 19.76 -28.50 -12.70
CA PHE A 427 18.78 -29.22 -13.55
C PHE A 427 17.41 -29.05 -12.87
N ARG A 428 16.31 -28.87 -13.64
CA ARG A 428 15.03 -28.39 -13.06
C ARG A 428 13.77 -28.81 -13.82
N PRO A 429 13.40 -30.10 -13.85
CA PRO A 429 12.33 -30.66 -14.65
C PRO A 429 11.28 -29.87 -15.46
N GLU A 430 10.76 -30.54 -16.48
CA GLU A 430 9.48 -30.23 -17.17
C GLU A 430 8.41 -30.42 -16.12
N VAL A 431 7.22 -29.87 -16.37
CA VAL A 431 6.05 -29.88 -15.43
C VAL A 431 4.74 -29.83 -16.23
N ALA A 432 4.07 -30.97 -16.42
CA ALA A 432 2.69 -31.00 -17.00
C ALA A 432 1.83 -30.06 -16.17
N ARG A 433 1.08 -29.20 -16.85
CA ARG A 433 0.30 -28.12 -16.20
C ARG A 433 -0.80 -27.68 -17.15
N THR A 434 -2.03 -28.17 -16.88
CA THR A 434 -3.21 -28.11 -17.78
C THR A 434 -3.49 -26.65 -18.13
N ILE A 435 -4.03 -26.40 -19.31
CA ILE A 435 -4.46 -25.03 -19.75
C ILE A 435 -5.73 -25.14 -20.60
N SER A 436 -6.79 -24.49 -20.12
CA SER A 436 -8.13 -24.43 -20.78
C SER A 436 -8.24 -23.13 -21.58
N TRP A 437 -7.86 -23.22 -22.86
CA TRP A 437 -7.75 -22.09 -23.81
C TRP A 437 -9.17 -21.78 -24.33
N ALA A 438 -9.46 -20.50 -24.63
CA ALA A 438 -10.78 -20.02 -25.09
C ALA A 438 -10.83 -20.10 -26.63
N GLY A 439 -11.70 -20.96 -27.16
CA GLY A 439 -11.77 -21.27 -28.60
C GLY A 439 -10.41 -21.71 -29.14
N ASN A 440 -10.01 -21.21 -30.31
CA ASN A 440 -8.73 -21.63 -30.96
C ASN A 440 -7.86 -20.38 -31.11
N PRO A 441 -6.65 -20.34 -30.50
CA PRO A 441 -5.76 -19.20 -30.67
C PRO A 441 -5.05 -19.25 -32.01
N ARG A 442 -5.18 -20.38 -32.73
CA ARG A 442 -4.84 -20.53 -34.17
C ARG A 442 -5.95 -19.89 -35.01
N LYS A 443 -6.84 -19.15 -34.34
CA LYS A 443 -7.91 -18.33 -34.94
C LYS A 443 -8.02 -17.07 -34.10
N PRO A 444 -7.13 -16.06 -34.30
CA PRO A 444 -7.26 -14.78 -33.62
C PRO A 444 -8.54 -14.04 -34.02
N ALA A 445 -8.92 -14.13 -35.31
CA ALA A 445 -10.16 -13.59 -35.94
C ALA A 445 -10.20 -13.92 -37.43
N GLU A 446 -11.09 -14.83 -37.86
CA GLU A 446 -11.09 -15.37 -39.25
C GLU A 446 -11.45 -14.20 -40.17
N PRO A 447 -10.60 -13.88 -41.19
CA PRO A 447 -10.89 -12.81 -42.15
C PRO A 447 -11.79 -13.35 -43.26
N GLU A 448 -12.15 -12.47 -44.22
CA GLU A 448 -12.93 -12.81 -45.45
C GLU A 448 -12.00 -13.10 -46.61
N PRO A 449 -12.42 -13.85 -47.64
CA PRO A 449 -11.65 -13.89 -48.88
C PRO A 449 -11.09 -12.49 -49.10
N GLY A 450 -9.75 -12.35 -49.16
CA GLY A 450 -9.00 -11.10 -49.41
C GLY A 450 -7.96 -10.81 -48.35
N HIS A 451 -8.38 -10.86 -47.08
CA HIS A 451 -7.50 -10.76 -45.88
C HIS A 451 -7.18 -9.29 -45.63
N GLN A 452 -8.23 -8.50 -45.44
CA GLN A 452 -8.23 -7.04 -45.67
C GLN A 452 -9.36 -6.35 -44.90
N ARG A 453 -10.40 -7.08 -44.54
CA ARG A 453 -11.37 -6.65 -43.50
C ARG A 453 -11.65 -7.89 -42.64
N LEU A 454 -11.31 -7.84 -41.35
CA LEU A 454 -11.58 -8.95 -40.39
C LEU A 454 -12.74 -8.58 -39.49
N HIS A 455 -13.73 -9.47 -39.49
CA HIS A 455 -14.65 -9.73 -38.36
C HIS A 455 -13.86 -10.67 -37.45
N PRO A 456 -14.42 -11.21 -36.37
CA PRO A 456 -13.60 -11.85 -35.35
C PRO A 456 -13.70 -13.38 -35.38
N ARG A 457 -13.39 -13.96 -34.20
CA ARG A 457 -13.54 -15.41 -33.88
C ARG A 457 -14.84 -15.49 -33.08
N GLY A 458 -15.83 -16.25 -33.56
CA GLY A 458 -17.16 -16.34 -32.96
C GLY A 458 -17.34 -17.70 -32.34
N SER A 459 -16.46 -18.04 -31.41
CA SER A 459 -16.63 -19.18 -30.48
C SER A 459 -15.48 -19.16 -29.48
N PHE A 460 -15.73 -19.71 -28.31
CA PHE A 460 -14.86 -19.57 -27.09
C PHE A 460 -15.17 -20.67 -26.10
N GLN A 461 -14.95 -21.93 -26.47
CA GLN A 461 -15.21 -23.09 -25.57
C GLN A 461 -13.86 -23.66 -25.12
N ALA A 462 -13.79 -24.04 -23.83
CA ALA A 462 -12.76 -24.90 -23.22
C ALA A 462 -11.89 -25.56 -24.30
N TRP A 463 -10.61 -25.13 -24.41
CA TRP A 463 -9.57 -25.71 -25.30
C TRP A 463 -8.33 -26.16 -24.53
N GLU A 464 -8.09 -27.47 -24.45
CA GLU A 464 -6.98 -28.08 -23.67
C GLU A 464 -5.63 -27.72 -24.30
N GLU A 465 -4.66 -27.40 -23.45
CA GLU A 465 -3.24 -27.23 -23.79
C GLU A 465 -2.46 -27.78 -22.58
N THR A 466 -2.51 -29.09 -22.36
CA THR A 466 -1.54 -29.80 -21.49
C THR A 466 -0.16 -29.68 -22.16
N VAL A 467 0.65 -28.74 -21.70
CA VAL A 467 2.07 -28.63 -22.17
C VAL A 467 2.94 -29.65 -21.42
N ARG A 468 3.99 -30.13 -22.10
CA ARG A 468 5.18 -30.75 -21.51
C ARG A 468 6.38 -29.90 -21.95
N ASP A 469 6.75 -28.88 -21.17
CA ASP A 469 8.12 -28.29 -21.10
C ASP A 469 8.04 -26.90 -20.47
N THR A 470 9.16 -26.20 -20.41
CA THR A 470 9.43 -25.00 -19.57
C THR A 470 9.79 -25.50 -18.17
N SER A 471 9.86 -24.64 -17.17
CA SER A 471 10.27 -25.02 -15.80
C SER A 471 10.03 -23.89 -14.81
N LEU A 472 8.98 -24.01 -14.00
CA LEU A 472 8.78 -23.16 -12.80
C LEU A 472 9.86 -22.08 -12.71
N PRO A 473 9.60 -20.87 -13.29
CA PRO A 473 10.59 -19.78 -13.29
C PRO A 473 11.24 -19.44 -11.95
N TRP A 474 12.56 -19.35 -11.97
CA TRP A 474 13.43 -18.79 -10.91
C TRP A 474 13.16 -17.28 -10.79
N LYS A 475 12.94 -16.82 -9.56
CA LYS A 475 12.54 -15.43 -9.26
C LYS A 475 13.75 -14.69 -8.66
N ARG A 476 13.50 -13.65 -7.86
CA ARG A 476 14.56 -12.86 -7.19
C ARG A 476 15.10 -13.75 -6.08
N ALA A 477 14.30 -13.98 -5.03
CA ALA A 477 14.62 -14.92 -3.94
C ALA A 477 14.57 -16.33 -4.53
N ASP A 478 15.51 -16.57 -5.45
CA ASP A 478 15.77 -17.85 -6.14
C ASP A 478 17.18 -17.71 -6.71
N LEU A 479 17.27 -17.40 -8.00
CA LEU A 479 18.36 -16.63 -8.66
C LEU A 479 19.25 -15.92 -7.64
N GLY A 480 18.65 -15.06 -6.82
CA GLY A 480 19.31 -14.19 -5.82
C GLY A 480 20.26 -14.95 -4.92
N ALA A 481 19.91 -16.18 -4.51
CA ALA A 481 20.81 -17.14 -3.82
C ALA A 481 21.81 -17.67 -4.85
N ALA A 482 22.85 -16.88 -5.15
CA ALA A 482 23.91 -17.20 -6.16
C ALA A 482 25.04 -16.18 -6.09
N GLU A 483 24.71 -14.91 -6.10
CA GLU A 483 25.72 -13.85 -5.89
C GLU A 483 26.53 -14.27 -4.66
N GLY A 484 25.87 -14.53 -3.53
CA GLY A 484 26.52 -14.94 -2.25
C GLY A 484 27.44 -16.15 -2.44
N PHE A 485 26.96 -17.15 -3.18
CA PHE A 485 27.65 -18.44 -3.47
C PHE A 485 28.91 -18.20 -4.32
N ARG A 486 28.79 -17.40 -5.39
CA ARG A 486 29.98 -16.89 -6.12
C ARG A 486 31.03 -16.62 -5.04
N GLY A 487 30.65 -15.84 -4.01
CA GLY A 487 31.52 -15.42 -2.89
C GLY A 487 31.99 -16.60 -2.02
N ALA A 488 31.12 -17.59 -1.80
CA ALA A 488 31.35 -18.75 -0.90
C ALA A 488 32.42 -19.67 -1.48
N LEU A 489 32.41 -19.97 -2.78
CA LEU A 489 33.25 -21.07 -3.35
C LEU A 489 34.73 -20.68 -3.37
N VAL A 490 35.05 -19.41 -3.65
CA VAL A 490 36.39 -18.83 -3.35
C VAL A 490 37.49 -19.71 -3.96
N ASP B 9 9.44 2.17 35.03
CA ASP B 9 8.85 2.27 36.40
C ASP B 9 7.39 2.70 36.25
N LEU B 10 6.48 1.74 36.44
CA LEU B 10 5.01 1.99 36.49
C LEU B 10 4.76 3.06 37.56
N SER B 11 3.80 3.95 37.30
CA SER B 11 3.39 5.04 38.22
C SER B 11 1.90 5.27 38.03
N GLN B 12 1.30 6.22 38.74
CA GLN B 12 -0.15 6.49 38.61
C GLN B 12 -0.45 7.31 37.35
N CYS B 13 0.59 7.63 36.58
N CYS B 13 0.58 7.62 36.58
CA CYS B 13 0.42 7.99 35.19
CA CYS B 13 0.41 7.99 35.18
C CYS B 13 -0.07 6.79 34.36
C CYS B 13 -0.07 6.79 34.36
N ASP B 14 0.25 5.58 34.82
CA ASP B 14 -0.15 4.34 34.15
C ASP B 14 -1.25 3.67 34.97
N ARG B 15 -0.97 3.43 36.25
CA ARG B 15 -1.88 2.82 37.26
C ARG B 15 -3.35 3.18 36.94
N GLU B 16 -3.66 4.47 36.89
CA GLU B 16 -5.03 5.04 37.12
C GLU B 16 -6.02 4.59 36.06
N PRO B 17 -7.18 4.02 36.45
CA PRO B 17 -7.99 3.20 35.55
C PRO B 17 -8.93 4.02 34.68
N ILE B 18 -8.51 4.41 33.47
CA ILE B 18 -9.17 5.53 32.74
C ILE B 18 -10.31 5.03 31.82
N HIS B 19 -10.69 3.76 31.91
CA HIS B 19 -11.88 3.27 31.17
C HIS B 19 -13.14 3.60 31.97
N LEU B 20 -13.11 3.32 33.28
CA LEU B 20 -14.31 3.44 34.15
C LEU B 20 -14.10 4.59 35.15
N LEU B 21 -14.65 5.76 34.82
CA LEU B 21 -14.72 6.93 35.75
C LEU B 21 -16.18 7.24 36.13
N GLY B 22 -16.82 8.18 35.43
CA GLY B 22 -18.27 8.49 35.46
C GLY B 22 -18.68 9.01 34.10
N GLY B 23 -18.95 8.09 33.17
CA GLY B 23 -18.85 8.27 31.69
C GLY B 23 -18.56 9.69 31.21
N ILE B 24 -19.57 10.38 30.62
CA ILE B 24 -19.46 10.95 29.25
C ILE B 24 -19.50 12.49 29.19
N GLN B 25 -18.82 13.01 28.16
CA GLN B 25 -18.63 14.43 27.77
C GLN B 25 -19.99 14.94 27.35
N SER B 26 -20.30 16.17 27.78
CA SER B 26 -21.68 16.70 27.98
C SER B 26 -22.42 17.01 26.65
N HIS B 27 -22.57 16.05 25.76
CA HIS B 27 -23.50 16.14 24.60
C HIS B 27 -23.85 14.73 24.13
N GLY B 28 -24.40 13.93 25.04
CA GLY B 28 -24.50 12.47 24.86
C GLY B 28 -25.76 11.95 25.50
N VAL B 29 -25.87 10.63 25.56
CA VAL B 29 -27.15 9.94 25.82
C VAL B 29 -26.85 8.45 25.88
N LEU B 30 -26.73 7.88 27.08
CA LEU B 30 -26.17 6.53 27.35
C LEU B 30 -27.24 5.49 27.68
N LEU B 31 -28.44 5.90 28.08
CA LEU B 31 -29.60 4.98 28.27
C LEU B 31 -29.16 3.56 27.88
N ALA B 32 -29.16 2.62 28.84
CA ALA B 32 -28.40 1.33 28.81
C ALA B 32 -29.28 0.18 29.35
N PHE B 33 -29.06 -1.08 28.92
CA PHE B 33 -30.10 -2.16 28.92
C PHE B 33 -29.69 -3.50 29.54
N ARG B 34 -29.91 -3.66 30.85
CA ARG B 34 -29.90 -4.99 31.52
C ARG B 34 -31.12 -5.76 31.02
N GLY B 35 -30.91 -6.83 30.26
CA GLY B 35 -31.95 -7.84 29.99
C GLY B 35 -32.77 -7.55 28.72
N PRO B 36 -33.80 -8.40 28.48
CA PRO B 36 -34.67 -8.34 27.31
C PRO B 36 -35.81 -7.32 27.26
N ASP B 37 -36.02 -6.59 28.33
CA ASP B 37 -37.04 -5.52 28.41
C ASP B 37 -36.28 -4.20 28.32
N ARG B 38 -35.13 -4.26 27.64
CA ARG B 38 -34.07 -3.23 27.70
C ARG B 38 -33.89 -2.82 29.16
N LEU B 39 -34.67 -1.91 29.75
CA LEU B 39 -34.49 -1.45 31.17
C LEU B 39 -33.21 -0.62 31.24
N LEU B 40 -33.13 0.41 32.13
CA LEU B 40 -32.34 1.66 31.91
C LEU B 40 -31.05 1.75 32.73
N GLU B 41 -30.75 0.75 33.57
CA GLU B 41 -29.39 0.51 34.16
C GLU B 41 -28.54 1.80 34.33
N VAL B 42 -27.58 2.13 33.45
CA VAL B 42 -26.73 3.36 33.56
C VAL B 42 -27.26 4.39 32.57
N VAL B 43 -27.82 5.49 33.07
CA VAL B 43 -28.57 6.51 32.26
C VAL B 43 -27.59 7.65 31.93
N SER B 44 -27.92 8.91 32.27
CA SER B 44 -27.08 10.12 32.00
C SER B 44 -27.76 11.36 32.53
N ALA B 45 -27.23 11.95 33.61
CA ALA B 45 -27.67 13.22 34.23
C ALA B 45 -28.11 14.22 33.13
N ASN B 46 -27.36 14.25 32.03
CA ASN B 46 -27.69 14.95 30.75
C ASN B 46 -28.51 13.98 29.90
N ALA B 47 -29.80 13.79 30.22
CA ALA B 47 -30.79 12.95 29.48
C ALA B 47 -32.17 13.60 29.51
N GLN B 48 -32.28 14.83 30.02
CA GLN B 48 -33.54 15.59 30.18
C GLN B 48 -33.73 16.59 29.02
N ALA B 49 -32.68 16.83 28.25
CA ALA B 49 -32.62 17.86 27.18
C ALA B 49 -32.61 17.15 25.83
N LEU B 50 -32.62 15.83 25.87
CA LEU B 50 -33.20 14.93 24.84
C LEU B 50 -34.18 14.02 25.61
N LEU B 51 -35.14 13.39 24.93
CA LEU B 51 -36.22 12.57 25.55
C LEU B 51 -37.44 13.44 25.91
N GLY B 52 -37.52 13.94 27.15
CA GLY B 52 -38.59 14.84 27.64
C GLY B 52 -38.82 14.66 29.12
N ARG B 53 -38.66 13.42 29.58
CA ARG B 53 -38.75 12.99 31.00
C ARG B 53 -37.34 12.98 31.60
N PRO B 54 -37.18 13.08 32.95
CA PRO B 54 -35.88 12.84 33.59
C PRO B 54 -35.40 11.39 33.56
N PRO B 55 -34.11 11.10 33.85
CA PRO B 55 -33.57 9.75 33.66
C PRO B 55 -33.97 8.76 34.77
N GLU B 56 -33.52 9.04 36.00
CA GLU B 56 -34.07 8.47 37.25
C GLU B 56 -35.47 7.94 36.99
N THR B 57 -36.30 8.78 36.34
CA THR B 57 -37.78 8.68 36.14
C THR B 57 -38.14 7.56 35.18
N LEU B 58 -37.20 7.15 34.34
CA LEU B 58 -37.35 5.95 33.47
C LEU B 58 -36.10 5.08 33.57
N LEU B 59 -35.33 5.23 34.66
CA LEU B 59 -34.18 4.35 35.03
C LEU B 59 -34.63 2.90 35.29
N GLY B 60 -35.89 2.67 35.67
CA GLY B 60 -36.33 1.34 36.13
C GLY B 60 -37.08 0.58 35.05
N GLN B 61 -37.16 1.12 33.83
CA GLN B 61 -38.29 0.83 32.89
C GLN B 61 -37.84 0.63 31.45
N PRO B 62 -38.58 -0.21 30.68
CA PRO B 62 -38.42 -0.41 29.23
C PRO B 62 -38.12 0.71 28.23
N VAL B 63 -37.79 0.34 27.00
CA VAL B 63 -37.58 1.25 25.84
C VAL B 63 -38.85 1.31 25.00
N GLY B 64 -39.85 0.51 25.32
CA GLY B 64 -41.23 0.83 24.94
C GLY B 64 -41.53 2.23 25.41
N ARG B 65 -41.30 2.47 26.71
CA ARG B 65 -41.72 3.68 27.47
C ARG B 65 -40.59 4.71 27.56
N VAL B 66 -39.62 4.68 26.66
CA VAL B 66 -38.43 5.58 26.69
C VAL B 66 -38.23 6.23 25.30
N LEU B 67 -38.07 5.39 24.26
CA LEU B 67 -37.56 5.80 22.92
C LEU B 67 -38.72 6.22 22.02
N PRO B 68 -38.51 7.22 21.14
CA PRO B 68 -39.51 7.65 20.17
C PRO B 68 -39.31 7.07 18.76
N ALA B 69 -40.41 6.75 18.07
CA ALA B 69 -40.47 6.18 16.70
C ALA B 69 -39.09 6.17 16.03
N GLU B 70 -38.71 7.30 15.44
CA GLU B 70 -37.32 7.71 15.04
C GLU B 70 -36.28 6.70 15.56
N VAL B 71 -35.77 6.83 16.79
CA VAL B 71 -34.61 6.02 17.28
C VAL B 71 -35.13 4.59 17.48
N LEU B 72 -36.25 4.45 18.16
CA LEU B 72 -36.90 3.15 18.52
C LEU B 72 -37.00 2.23 17.29
N ALA B 73 -37.66 2.68 16.22
CA ALA B 73 -38.00 1.81 15.08
C ALA B 73 -36.72 1.27 14.45
N GLN B 74 -35.63 2.02 14.54
CA GLN B 74 -34.30 1.68 13.96
C GLN B 74 -33.40 1.08 15.03
N TRP B 75 -33.97 0.73 16.19
CA TRP B 75 -33.33 -0.18 17.18
C TRP B 75 -33.14 -1.53 16.50
N GLU B 76 -34.02 -1.89 15.55
CA GLU B 76 -33.79 -3.12 14.75
C GLU B 76 -32.45 -2.94 14.02
N PRO B 77 -32.32 -2.15 12.93
CA PRO B 77 -31.03 -2.03 12.25
C PRO B 77 -29.81 -1.69 13.13
N LEU B 78 -30.00 -1.13 14.34
CA LEU B 78 -28.88 -0.89 15.30
C LEU B 78 -28.10 -2.20 15.39
N VAL B 79 -28.72 -3.23 15.95
CA VAL B 79 -28.20 -4.63 15.96
C VAL B 79 -27.63 -4.88 14.57
N ALA B 80 -28.50 -4.88 13.55
CA ALA B 80 -28.20 -5.29 12.15
C ALA B 80 -26.88 -4.68 11.66
N ARG B 81 -26.71 -3.37 11.87
CA ARG B 81 -25.85 -2.47 11.05
C ARG B 81 -24.62 -2.00 11.85
N GLY B 82 -24.85 -1.41 13.03
CA GLY B 82 -23.84 -0.73 13.87
C GLY B 82 -24.17 0.75 14.10
N SER B 83 -24.60 1.44 13.04
CA SER B 83 -25.09 2.85 13.03
C SER B 83 -26.53 2.90 12.52
N VAL B 84 -27.28 3.91 12.93
CA VAL B 84 -28.65 4.22 12.42
C VAL B 84 -28.87 5.73 12.42
N ARG B 85 -29.97 6.24 11.84
CA ARG B 85 -30.28 7.70 11.81
C ARG B 85 -31.64 8.07 12.44
N VAL B 86 -31.68 8.24 13.77
CA VAL B 86 -32.71 9.02 14.53
C VAL B 86 -32.62 10.50 14.15
N VAL B 87 -33.63 11.03 13.48
CA VAL B 87 -33.72 12.48 13.10
C VAL B 87 -34.78 13.20 13.96
N LEU B 88 -34.86 12.94 15.26
CA LEU B 88 -35.95 13.48 16.14
C LEU B 88 -35.81 15.00 16.36
N PRO B 89 -36.92 15.70 16.68
CA PRO B 89 -36.99 17.16 16.69
C PRO B 89 -35.67 17.93 16.83
N ALA B 90 -34.89 17.64 17.89
CA ALA B 90 -33.69 18.42 18.31
C ALA B 90 -32.74 18.62 17.13
N GLY B 91 -32.79 17.71 16.16
CA GLY B 91 -32.10 17.85 14.86
C GLY B 91 -31.78 16.49 14.23
N ALA B 92 -30.60 15.95 14.53
CA ALA B 92 -30.06 14.74 13.88
C ALA B 92 -28.85 14.27 14.68
N TYR B 93 -29.05 13.35 15.63
CA TYR B 93 -27.95 12.77 16.42
C TYR B 93 -27.70 11.35 15.89
N ARG B 94 -26.60 10.74 16.31
CA ARG B 94 -26.14 9.39 15.88
C ARG B 94 -26.77 8.36 16.80
N ALA B 95 -26.04 7.34 17.28
CA ALA B 95 -26.60 6.18 18.02
C ALA B 95 -25.50 5.23 18.49
N LEU B 96 -25.04 4.35 17.61
CA LEU B 96 -23.83 3.49 17.77
C LEU B 96 -23.96 2.67 19.04
N LEU B 97 -24.06 1.33 18.94
CA LEU B 97 -24.14 0.46 20.13
C LEU B 97 -23.51 -0.91 19.88
N HIS B 98 -22.92 -1.43 20.95
CA HIS B 98 -22.19 -2.72 21.08
C HIS B 98 -22.65 -3.42 22.38
N GLU B 99 -22.08 -4.58 22.70
CA GLU B 99 -22.37 -5.21 24.01
C GLU B 99 -21.34 -4.69 25.05
N SER B 100 -21.76 -4.49 26.31
CA SER B 100 -20.89 -4.18 27.47
C SER B 100 -21.00 -5.28 28.55
N ASP B 101 -21.26 -4.94 29.81
CA ASP B 101 -21.10 -5.88 30.96
C ASP B 101 -22.27 -6.86 31.02
N GLY B 102 -23.47 -6.37 31.29
CA GLY B 102 -24.74 -6.95 30.84
C GLY B 102 -25.57 -5.82 30.26
N LEU B 103 -25.17 -5.34 29.08
CA LEU B 103 -25.45 -3.96 28.61
C LEU B 103 -25.46 -3.89 27.08
N THR B 104 -26.58 -3.41 26.53
CA THR B 104 -26.78 -2.97 25.12
C THR B 104 -26.81 -1.43 25.09
N VAL B 105 -25.85 -0.80 25.75
CA VAL B 105 -25.55 0.66 25.70
C VAL B 105 -25.76 1.24 24.28
N LEU B 106 -26.96 1.77 23.98
CA LEU B 106 -27.14 2.79 22.92
C LEU B 106 -26.38 4.05 23.34
N GLU B 107 -25.29 4.37 22.63
CA GLU B 107 -24.64 5.73 22.59
C GLU B 107 -25.51 6.61 21.71
N LEU B 108 -25.11 7.84 21.37
CA LEU B 108 -25.92 8.73 20.50
C LEU B 108 -25.54 10.20 20.69
N GLU B 109 -25.33 10.92 19.57
CA GLU B 109 -24.62 12.23 19.50
C GLU B 109 -24.80 12.88 18.11
N PRO B 110 -24.54 14.18 17.95
CA PRO B 110 -24.83 14.88 16.70
C PRO B 110 -24.32 14.29 15.37
N ALA B 111 -24.98 14.70 14.29
CA ALA B 111 -24.84 14.16 12.91
C ALA B 111 -24.41 15.28 11.96
N GLU B 112 -23.96 14.89 10.76
CA GLU B 112 -22.91 15.57 9.95
C GLU B 112 -23.50 16.72 9.11
N LEU B 113 -24.74 16.60 8.64
CA LEU B 113 -25.48 17.69 7.97
C LEU B 113 -25.13 17.76 6.47
N GLN B 114 -23.87 18.02 6.13
CA GLN B 114 -23.45 18.39 4.75
C GLN B 114 -23.31 17.12 3.91
N PRO B 115 -23.61 17.20 2.59
CA PRO B 115 -23.21 16.14 1.63
C PRO B 115 -21.71 16.23 1.31
N GLY B 116 -21.13 17.42 1.40
CA GLY B 116 -19.66 17.54 1.54
C GLY B 116 -19.05 16.16 1.62
N MET B 117 -19.20 15.50 2.79
CA MET B 117 -18.39 14.34 3.25
C MET B 117 -17.80 13.53 2.11
N GLU B 118 -18.63 12.74 1.41
CA GLU B 118 -18.16 11.95 0.26
C GLU B 118 -17.31 12.87 -0.61
N GLU B 119 -17.89 13.92 -1.20
CA GLU B 119 -17.12 14.81 -2.11
C GLU B 119 -15.90 15.35 -1.35
N THR B 120 -16.04 16.14 -0.28
CA THR B 120 -14.88 16.62 0.51
C THR B 120 -13.93 15.43 0.70
N ALA B 121 -14.27 14.51 1.62
CA ALA B 121 -13.50 13.28 1.92
C ALA B 121 -12.70 12.87 0.68
N LEU B 122 -13.38 12.45 -0.40
CA LEU B 122 -12.71 11.90 -1.60
C LEU B 122 -11.68 12.89 -2.14
N GLU B 123 -12.10 14.01 -2.74
CA GLU B 123 -11.08 14.94 -3.31
C GLU B 123 -9.86 14.88 -2.37
N VAL B 124 -10.11 14.91 -1.06
CA VAL B 124 -9.05 14.81 -0.01
C VAL B 124 -8.25 13.51 -0.19
N VAL B 125 -8.88 12.32 -0.13
CA VAL B 125 -8.18 10.99 -0.11
C VAL B 125 -7.24 10.83 -1.33
N ARG B 126 -7.72 11.17 -2.53
CA ARG B 126 -6.98 11.05 -3.82
C ARG B 126 -5.74 11.97 -3.82
N ARG B 127 -5.70 13.00 -2.96
CA ARG B 127 -4.43 13.66 -2.55
C ARG B 127 -3.51 12.58 -1.96
N LEU B 128 -3.93 11.91 -0.87
CA LEU B 128 -3.11 10.95 -0.07
C LEU B 128 -3.06 9.58 -0.76
N VAL B 129 -3.47 9.47 -2.02
CA VAL B 129 -3.15 8.31 -2.92
C VAL B 129 -3.41 8.70 -4.39
N SER B 130 -2.37 9.23 -5.01
CA SER B 130 -2.27 9.78 -6.39
C SER B 130 -1.67 8.72 -7.30
N PRO B 131 -1.26 9.06 -8.55
CA PRO B 131 -0.52 8.12 -9.38
C PRO B 131 0.69 7.51 -8.63
N LEU B 132 1.51 8.35 -8.00
CA LEU B 132 2.72 7.88 -7.24
C LEU B 132 3.05 8.81 -6.07
N ALA B 133 2.59 8.44 -4.88
CA ALA B 133 2.74 9.20 -3.62
C ALA B 133 4.09 8.86 -2.98
N GLY B 134 5.11 9.66 -3.30
CA GLY B 134 6.49 9.52 -2.81
C GLY B 134 7.48 9.76 -3.93
N VAL B 135 7.49 10.99 -4.46
CA VAL B 135 8.39 11.41 -5.57
C VAL B 135 9.58 12.20 -5.00
N LYS B 136 9.38 12.80 -3.82
CA LYS B 136 10.36 13.67 -3.13
C LYS B 136 10.46 13.34 -1.63
N GLY B 137 9.72 12.35 -1.13
CA GLY B 137 10.03 11.78 0.18
C GLY B 137 8.82 11.24 0.91
N THR B 138 9.06 10.92 2.18
CA THR B 138 8.16 10.25 3.17
C THR B 138 7.56 11.32 4.08
N GLN B 139 8.34 12.39 4.33
CA GLN B 139 7.86 13.68 4.89
C GLN B 139 6.59 14.09 4.17
N ALA B 140 6.55 13.88 2.85
CA ALA B 140 5.48 14.35 1.95
C ALA B 140 4.27 13.42 2.05
N LEU B 141 4.47 12.20 2.52
CA LEU B 141 3.40 11.25 2.95
C LEU B 141 2.89 11.74 4.31
N LEU B 142 3.75 11.70 5.34
CA LEU B 142 3.49 12.21 6.72
C LEU B 142 2.60 13.46 6.67
N GLN B 143 3.06 14.49 5.97
CA GLN B 143 2.51 15.87 6.02
C GLN B 143 1.10 15.91 5.44
N THR B 144 0.93 15.39 4.22
CA THR B 144 -0.38 15.38 3.52
C THR B 144 -1.45 14.83 4.49
N ALA B 145 -1.24 13.63 5.03
CA ALA B 145 -2.03 13.14 6.19
C ALA B 145 -2.37 14.37 7.04
N ALA B 146 -1.36 15.05 7.58
CA ALA B 146 -1.54 16.26 8.42
C ALA B 146 -2.40 17.29 7.66
N ASP B 147 -1.86 17.88 6.60
CA ASP B 147 -2.60 18.80 5.70
C ASP B 147 -4.07 18.35 5.65
N THR B 148 -4.36 17.15 5.12
CA THR B 148 -5.75 16.67 4.79
C THR B 148 -6.64 16.53 6.04
N VAL B 149 -6.17 15.95 7.17
CA VAL B 149 -7.00 15.87 8.40
C VAL B 149 -7.39 17.32 8.78
N ARG B 150 -6.43 18.25 8.84
CA ARG B 150 -6.64 19.65 9.31
C ARG B 150 -7.58 20.38 8.32
N ALA B 151 -7.64 19.90 7.09
CA ALA B 151 -8.40 20.49 5.96
C ALA B 151 -9.67 19.69 5.69
N LEU B 152 -9.76 18.47 6.21
CA LEU B 152 -10.93 17.55 6.06
C LEU B 152 -11.92 17.76 7.22
N THR B 153 -11.43 17.99 8.42
CA THR B 153 -12.28 18.34 9.59
C THR B 153 -12.51 19.85 9.57
N GLY B 154 -11.46 20.59 9.18
CA GLY B 154 -11.42 22.06 9.24
C GLY B 154 -10.90 22.49 10.58
N PHE B 155 -9.61 22.72 10.66
CA PHE B 155 -8.84 22.83 11.93
C PHE B 155 -7.84 23.96 11.85
N ASP B 156 -6.98 24.02 12.86
CA ASP B 156 -5.70 24.76 12.82
C ASP B 156 -4.58 23.71 12.70
N ARG B 157 -3.70 23.62 13.69
CA ARG B 157 -2.48 22.77 13.67
C ARG B 157 -2.82 21.30 13.94
N VAL B 158 -2.10 20.38 13.27
CA VAL B 158 -2.12 18.89 13.49
C VAL B 158 -0.68 18.38 13.42
N MET B 159 -0.42 17.09 13.67
CA MET B 159 0.96 16.53 13.68
C MET B 159 0.95 15.03 13.38
N VAL B 160 2.11 14.38 13.55
CA VAL B 160 2.36 12.94 13.22
C VAL B 160 3.12 12.25 14.37
N TYR B 161 3.21 12.89 15.54
CA TYR B 161 3.86 12.34 16.76
C TYR B 161 3.83 10.80 16.78
N ARG B 162 5.00 10.19 16.51
CA ARG B 162 5.24 8.72 16.51
C ARG B 162 6.08 8.31 17.72
N PHE B 163 5.75 7.15 18.30
CA PHE B 163 6.47 6.59 19.46
C PHE B 163 7.80 6.04 18.92
N ASP B 164 8.76 5.78 19.81
CA ASP B 164 10.02 5.12 19.40
C ASP B 164 10.55 4.32 20.60
N ALA B 165 11.20 3.19 20.32
CA ALA B 165 11.99 2.40 21.30
C ALA B 165 11.48 2.63 22.73
N ASP B 166 11.73 3.80 23.35
CA ASP B 166 11.45 4.02 24.80
C ASP B 166 9.94 4.09 25.02
N TRP B 167 9.15 4.19 23.92
CA TRP B 167 7.75 4.68 23.86
C TRP B 167 7.73 6.20 24.08
N HIS B 168 8.92 6.79 24.02
CA HIS B 168 9.17 8.23 23.72
C HIS B 168 8.43 8.60 22.44
N GLY B 169 8.66 9.81 21.89
CA GLY B 169 8.31 10.11 20.49
C GLY B 169 8.45 11.59 20.16
N GLU B 170 8.27 11.92 18.86
CA GLU B 170 8.39 13.28 18.28
C GLU B 170 7.40 13.48 17.12
N VAL B 171 6.82 14.68 17.06
CA VAL B 171 5.92 15.24 16.01
C VAL B 171 6.67 15.46 14.70
N LEU B 172 6.18 14.92 13.60
CA LEU B 172 6.91 14.91 12.30
C LEU B 172 6.11 15.64 11.20
N ALA B 173 5.17 16.52 11.56
CA ALA B 173 4.41 17.35 10.60
C ALA B 173 3.84 18.62 11.25
N GLU B 174 3.26 19.47 10.40
CA GLU B 174 2.70 20.81 10.74
C GLU B 174 1.91 21.34 9.53
N SER B 175 0.62 21.65 9.72
CA SER B 175 -0.12 22.62 8.87
C SER B 175 -1.05 23.47 9.76
N LYS B 176 -1.09 24.79 9.50
CA LYS B 176 -1.39 25.87 10.49
C LYS B 176 -1.98 27.13 9.84
N ARG B 177 -2.33 28.12 10.68
CA ARG B 177 -2.82 29.48 10.33
C ARG B 177 -1.86 30.53 10.91
N GLY B 178 -0.93 31.04 10.10
CA GLY B 178 0.30 31.69 10.59
C GLY B 178 0.04 32.56 11.81
N GLY B 179 0.06 31.97 13.01
CA GLY B 179 -0.41 32.61 14.27
C GLY B 179 -1.08 31.62 15.20
N MET B 180 -0.44 30.47 15.41
CA MET B 180 -0.37 29.74 16.70
C MET B 180 1.11 29.60 17.07
N ASP B 181 1.44 28.73 18.02
CA ASP B 181 2.84 28.25 18.21
C ASP B 181 2.87 26.92 17.45
N GLY B 182 3.23 25.79 18.04
CA GLY B 182 3.27 24.57 17.23
C GLY B 182 3.63 23.34 18.04
N PHE B 183 4.91 23.21 18.38
CA PHE B 183 5.60 21.91 18.59
C PHE B 183 5.84 21.30 17.20
N LEU B 184 6.84 21.76 16.43
CA LEU B 184 7.07 21.32 15.03
C LEU B 184 7.70 19.92 15.03
N GLY B 185 8.91 19.79 15.55
CA GLY B 185 9.63 18.51 15.63
C GLY B 185 9.77 18.04 17.07
N MET B 186 10.44 18.86 17.86
CA MET B 186 10.66 18.69 19.31
C MET B 186 10.14 17.37 19.89
N HIS B 187 11.09 16.55 20.36
CA HIS B 187 10.82 15.35 21.17
C HIS B 187 10.19 15.82 22.47
N PHE B 188 9.14 15.14 22.94
CA PHE B 188 8.54 15.44 24.26
C PHE B 188 7.95 14.15 24.83
N PRO B 189 8.05 13.97 26.18
CA PRO B 189 7.91 12.71 26.91
C PRO B 189 7.30 11.39 26.42
N ALA B 190 7.61 10.33 27.16
CA ALA B 190 7.00 8.99 27.10
C ALA B 190 5.98 8.89 28.24
N THR B 191 6.04 9.84 29.18
CA THR B 191 5.18 9.90 30.40
C THR B 191 3.94 10.76 30.09
N ASP B 192 3.47 10.72 28.85
CA ASP B 192 2.23 11.35 28.38
C ASP B 192 1.29 10.20 27.97
N ILE B 193 1.16 9.91 26.67
CA ILE B 193 0.49 8.69 26.14
C ILE B 193 1.13 7.47 26.83
N PRO B 194 0.67 7.10 28.06
CA PRO B 194 1.24 6.00 28.82
C PRO B 194 0.57 4.66 28.46
N VAL B 195 0.99 3.53 29.06
CA VAL B 195 0.65 2.15 28.57
C VAL B 195 -0.85 1.86 28.73
N GLN B 196 -1.50 2.28 29.81
CA GLN B 196 -2.95 1.99 30.02
C GLN B 196 -3.76 2.79 28.98
N ALA B 197 -3.35 4.00 28.64
CA ALA B 197 -4.11 4.90 27.75
C ALA B 197 -3.82 4.60 26.27
N ARG B 198 -2.55 4.34 25.94
CA ARG B 198 -2.06 4.13 24.54
C ARG B 198 -2.04 2.64 24.15
N ALA B 199 -2.39 1.73 25.07
CA ALA B 199 -2.73 0.30 24.78
C ALA B 199 -4.23 0.16 24.54
N LEU B 200 -5.04 1.08 25.09
CA LEU B 200 -6.48 1.20 24.79
C LEU B 200 -6.64 1.82 23.38
N TYR B 201 -5.53 1.95 22.64
CA TYR B 201 -5.48 2.60 21.30
C TYR B 201 -5.27 1.58 20.18
N THR B 202 -4.60 0.47 20.45
CA THR B 202 -4.57 -0.71 19.57
C THR B 202 -6.05 -1.11 19.31
N ARG B 203 -6.89 -0.94 20.35
CA ARG B 203 -8.33 -1.32 20.43
C ARG B 203 -9.24 -0.20 19.91
N ASN B 204 -9.07 1.03 20.38
CA ASN B 204 -10.12 2.08 20.25
C ASN B 204 -9.52 3.31 19.56
N PRO B 205 -9.31 3.22 18.24
CA PRO B 205 -8.54 4.22 17.53
C PRO B 205 -8.75 5.65 18.05
N LEU B 206 -9.98 6.14 17.84
CA LEU B 206 -10.27 7.60 17.72
C LEU B 206 -10.73 8.17 19.05
N ARG B 207 -10.41 9.44 19.28
CA ARG B 207 -10.78 10.19 20.49
C ARG B 207 -11.53 11.43 20.04
N LEU B 208 -12.27 12.07 20.92
CA LEU B 208 -12.81 13.43 20.76
C LEU B 208 -13.01 14.02 22.15
N ILE B 209 -11.90 14.40 22.78
CA ILE B 209 -11.82 15.58 23.69
C ILE B 209 -12.11 16.81 22.84
N ALA B 210 -13.32 17.38 22.94
CA ALA B 210 -13.75 18.54 22.12
C ALA B 210 -14.80 19.37 22.88
N ASP B 211 -14.64 20.69 22.86
CA ASP B 211 -14.99 21.63 23.95
C ASP B 211 -14.57 21.01 25.28
N ALA B 212 -13.39 20.41 25.31
CA ALA B 212 -12.61 19.98 26.50
C ALA B 212 -12.18 21.20 27.32
N ARG B 213 -13.01 22.24 27.30
CA ARG B 213 -12.99 23.38 28.24
C ARG B 213 -13.97 23.00 29.36
N ALA B 214 -15.07 22.34 28.97
CA ALA B 214 -16.30 22.11 29.75
C ALA B 214 -16.14 20.94 30.68
N ARG B 215 -17.19 20.66 31.47
CA ARG B 215 -17.19 19.71 32.63
C ARG B 215 -17.66 18.36 32.14
N PRO B 216 -17.31 17.24 32.83
CA PRO B 216 -17.86 15.93 32.51
C PRO B 216 -19.13 15.60 33.30
N VAL B 217 -20.15 15.02 32.62
CA VAL B 217 -21.43 14.68 33.30
C VAL B 217 -21.45 13.18 33.64
N PRO B 218 -22.05 12.84 34.82
CA PRO B 218 -22.05 11.48 35.35
C PRO B 218 -23.03 10.53 34.64
N LEU B 219 -23.07 9.27 35.07
CA LEU B 219 -24.05 8.24 34.65
C LEU B 219 -24.91 7.94 35.87
N LEU B 220 -25.82 6.93 35.81
CA LEU B 220 -26.67 6.49 36.95
C LEU B 220 -26.79 4.96 37.04
N PRO B 221 -26.55 4.32 38.20
CA PRO B 221 -26.09 4.98 39.41
C PRO B 221 -24.75 4.57 40.01
N PRO B 222 -23.74 5.48 40.03
CA PRO B 222 -22.33 5.24 39.75
C PRO B 222 -21.80 3.81 39.48
N VAL B 223 -21.96 2.89 40.40
CA VAL B 223 -21.60 1.47 40.20
C VAL B 223 -22.69 0.84 39.34
N VAL B 224 -22.33 0.14 38.26
CA VAL B 224 -23.33 -0.55 37.41
C VAL B 224 -23.68 -1.87 38.12
N PRO B 225 -24.82 -1.91 38.83
CA PRO B 225 -25.04 -2.76 40.02
C PRO B 225 -24.12 -3.97 40.22
N ALA B 226 -24.57 -5.15 39.76
CA ALA B 226 -23.82 -6.42 39.58
C ALA B 226 -22.30 -6.25 39.64
N LEU B 227 -21.71 -5.38 38.80
CA LEU B 227 -20.24 -5.35 38.60
C LEU B 227 -19.57 -4.85 39.89
N GLY B 228 -19.62 -3.55 40.16
CA GLY B 228 -19.01 -2.93 41.35
C GLY B 228 -18.42 -1.57 41.05
N ARG B 229 -17.64 -1.46 39.98
CA ARG B 229 -17.01 -0.18 39.56
C ARG B 229 -17.97 0.47 38.57
N PRO B 230 -17.65 1.67 38.03
CA PRO B 230 -18.48 2.28 37.00
C PRO B 230 -18.65 1.26 35.87
N LEU B 231 -19.06 1.71 34.69
CA LEU B 231 -19.49 0.87 33.54
C LEU B 231 -18.29 0.06 32.98
N ASP B 232 -17.68 0.57 31.90
CA ASP B 232 -16.55 -0.03 31.14
C ASP B 232 -16.32 0.86 29.91
N LEU B 233 -16.29 2.19 30.09
CA LEU B 233 -16.75 3.13 29.04
C LEU B 233 -15.61 3.42 28.04
N SER B 234 -15.17 2.36 27.39
CA SER B 234 -13.82 2.24 26.76
C SER B 234 -13.97 2.10 25.26
N ASN B 235 -14.98 1.33 24.85
CA ASN B 235 -15.36 0.99 23.45
C ASN B 235 -16.40 2.00 22.96
N SER B 236 -16.71 2.98 23.80
CA SER B 236 -17.84 3.92 23.69
C SER B 236 -17.34 5.18 22.99
N ALA B 237 -17.93 5.49 21.83
CA ALA B 237 -17.55 6.63 20.97
C ALA B 237 -17.58 7.95 21.76
N LEU B 238 -17.99 7.87 23.03
CA LEU B 238 -17.87 8.93 24.06
C LEU B 238 -17.09 8.39 25.25
N ARG B 239 -16.05 9.11 25.64
CA ARG B 239 -15.33 8.92 26.92
C ARG B 239 -14.98 10.35 27.39
N SER B 240 -15.41 10.75 28.60
CA SER B 240 -15.22 12.14 29.12
C SER B 240 -13.74 12.42 29.40
N VAL B 241 -12.88 11.40 29.35
CA VAL B 241 -11.40 11.46 29.52
C VAL B 241 -11.09 12.05 30.89
N SER B 242 -9.89 11.80 31.41
CA SER B 242 -9.47 12.10 32.81
C SER B 242 -9.29 13.60 32.99
N PRO B 243 -9.26 14.09 34.24
CA PRO B 243 -8.70 15.42 34.50
C PRO B 243 -7.23 15.56 34.05
N VAL B 244 -6.35 14.68 34.56
CA VAL B 244 -4.85 14.76 34.43
C VAL B 244 -4.52 15.14 33.00
N HIS B 245 -5.31 14.60 32.06
CA HIS B 245 -5.36 15.00 30.64
C HIS B 245 -6.60 15.86 30.43
N LEU B 246 -6.47 17.11 30.82
CA LEU B 246 -7.46 18.16 30.49
C LEU B 246 -7.13 19.40 31.30
N GLU B 247 -6.70 19.23 32.57
CA GLU B 247 -5.91 20.27 33.28
C GLU B 247 -4.76 20.75 32.39
N TYR B 248 -4.22 19.84 31.56
N TYR B 248 -4.20 19.91 31.51
CA TYR B 248 -3.00 19.99 30.72
CA TYR B 248 -2.98 20.27 30.75
C TYR B 248 -3.35 20.67 29.38
C TYR B 248 -3.30 20.64 29.29
N LEU B 249 -4.49 20.31 28.80
CA LEU B 249 -5.00 20.97 27.56
C LEU B 249 -5.24 22.45 27.91
N ARG B 250 -5.86 22.70 29.06
CA ARG B 250 -6.20 24.07 29.50
C ARG B 250 -4.93 24.92 29.49
N ASN B 251 -3.76 24.31 29.75
CA ASN B 251 -2.43 24.98 29.60
C ASN B 251 -1.73 24.40 28.36
N MET B 252 -1.95 25.07 27.24
CA MET B 252 -1.75 24.53 25.88
C MET B 252 -2.56 25.39 24.90
N GLY B 253 -3.74 25.81 25.36
CA GLY B 253 -4.70 26.62 24.58
C GLY B 253 -5.55 25.72 23.72
N VAL B 254 -6.34 24.84 24.36
CA VAL B 254 -7.20 23.85 23.66
C VAL B 254 -8.61 23.79 24.27
N GLY B 255 -9.60 24.19 23.46
CA GLY B 255 -11.01 23.79 23.60
C GLY B 255 -11.20 22.37 23.10
N ALA B 256 -10.48 21.96 22.04
CA ALA B 256 -10.59 20.61 21.42
C ALA B 256 -9.26 20.11 20.85
N SER B 257 -8.91 18.86 21.20
CA SER B 257 -7.71 18.13 20.75
C SER B 257 -8.17 16.78 20.22
N PHE B 258 -8.02 16.51 18.91
CA PHE B 258 -8.79 15.41 18.26
C PHE B 258 -8.10 14.05 18.45
N SER B 259 -7.01 13.78 17.71
CA SER B 259 -6.11 12.61 17.87
C SER B 259 -6.72 11.36 17.23
N LEU B 260 -6.15 10.92 16.10
CA LEU B 260 -6.79 9.97 15.15
C LEU B 260 -6.10 8.60 15.10
N SER B 261 -5.00 8.41 15.84
CA SER B 261 -4.28 7.13 16.08
C SER B 261 -4.04 6.31 14.79
N LEU B 262 -3.22 5.26 14.90
CA LEU B 262 -2.46 4.71 13.75
C LEU B 262 -2.05 3.26 13.97
N LEU B 263 -1.77 2.55 12.88
CA LEU B 263 -1.14 1.19 12.87
C LEU B 263 -1.17 0.59 11.46
N LYS B 264 -0.21 -0.30 11.18
CA LYS B 264 0.03 -0.90 9.83
C LYS B 264 -0.07 -2.42 9.89
N GLU B 265 0.86 -3.07 10.58
CA GLU B 265 0.80 -4.50 11.00
C GLU B 265 0.75 -4.52 12.53
N GLY B 266 -0.44 -4.72 13.10
CA GLY B 266 -0.63 -5.10 14.50
C GLY B 266 0.57 -4.70 15.36
N VAL B 267 1.00 -3.45 15.16
CA VAL B 267 1.79 -2.63 16.11
C VAL B 267 1.30 -1.19 15.94
N LEU B 268 1.50 -0.34 16.97
CA LEU B 268 1.13 1.09 16.94
C LEU B 268 2.03 1.77 15.89
N TRP B 269 2.41 3.03 16.11
CA TRP B 269 3.42 3.77 15.30
C TRP B 269 3.47 5.16 15.91
N GLY B 270 2.40 5.91 15.72
CA GLY B 270 2.11 7.15 16.44
C GLY B 270 0.63 7.49 16.42
N LEU B 271 0.33 8.78 16.36
CA LEU B 271 -1.03 9.39 16.43
C LEU B 271 -1.21 10.29 15.21
N ILE B 272 -2.35 10.97 15.16
CA ILE B 272 -2.57 12.32 14.58
C ILE B 272 -3.02 13.19 15.76
N ALA B 273 -2.89 14.52 15.70
CA ALA B 273 -3.15 15.34 16.90
C ALA B 273 -3.42 16.77 16.52
N CYS B 274 -4.72 17.09 16.33
CA CYS B 274 -5.27 18.36 15.82
C CYS B 274 -5.67 19.35 16.94
N HIS B 275 -4.84 20.33 17.23
CA HIS B 275 -5.16 21.44 18.15
C HIS B 275 -6.05 22.47 17.44
N HIS B 276 -6.98 23.06 18.21
CA HIS B 276 -7.96 24.08 17.76
C HIS B 276 -8.15 25.11 18.88
N LEU B 277 -8.29 26.38 18.49
CA LEU B 277 -8.30 27.57 19.39
C LEU B 277 -9.61 27.63 20.17
N GLU B 278 -10.70 27.27 19.51
CA GLU B 278 -12.04 27.14 20.16
C GLU B 278 -12.56 25.75 19.78
N PRO B 279 -13.67 25.30 20.41
CA PRO B 279 -14.12 23.92 20.32
C PRO B 279 -15.11 23.59 19.18
N LEU B 280 -15.00 22.35 18.69
CA LEU B 280 -15.47 21.88 17.36
C LEU B 280 -16.01 20.45 17.52
N HIS B 281 -16.87 19.99 16.62
CA HIS B 281 -17.52 18.66 16.61
C HIS B 281 -17.36 18.00 15.23
N ILE B 282 -16.98 16.73 15.27
CA ILE B 282 -16.68 15.82 14.13
C ILE B 282 -17.59 14.61 14.29
N SER B 283 -18.22 14.12 13.22
CA SER B 283 -19.36 13.16 13.33
C SER B 283 -18.84 11.73 13.28
N HIS B 284 -19.34 10.87 14.17
CA HIS B 284 -19.20 9.40 14.04
C HIS B 284 -18.58 9.13 12.66
N GLU B 285 -19.39 9.29 11.62
CA GLU B 285 -19.12 8.90 10.21
C GLU B 285 -17.79 9.47 9.71
N ARG B 286 -17.45 10.71 10.10
CA ARG B 286 -16.31 11.49 9.55
C ARG B 286 -15.10 11.51 10.49
N ARG B 287 -15.25 11.16 11.78
CA ARG B 287 -14.08 10.73 12.60
C ARG B 287 -13.91 9.20 12.42
N ARG B 288 -14.87 8.56 11.75
CA ARG B 288 -14.74 7.16 11.23
C ARG B 288 -13.96 7.19 9.90
N ALA B 289 -13.94 8.31 9.17
CA ALA B 289 -13.30 8.43 7.83
C ALA B 289 -12.07 9.32 7.92
N CYS B 290 -11.88 10.03 9.03
CA CYS B 290 -10.58 10.28 9.68
C CYS B 290 -9.80 8.95 9.68
N GLU B 291 -10.34 7.95 10.39
CA GLU B 291 -9.78 6.58 10.62
C GLU B 291 -9.37 5.95 9.29
N VAL B 292 -10.08 6.29 8.22
CA VAL B 292 -9.89 5.66 6.88
C VAL B 292 -8.63 6.22 6.22
N LEU B 293 -8.24 7.43 6.61
CA LEU B 293 -6.99 8.07 6.13
C LEU B 293 -5.80 7.76 7.05
N THR B 294 -5.89 7.89 8.38
CA THR B 294 -4.79 7.43 9.28
C THR B 294 -4.42 5.98 9.00
N GLN B 295 -5.41 5.20 8.55
CA GLN B 295 -5.31 3.77 8.17
C GLN B 295 -4.48 3.70 6.90
N LEU B 296 -4.71 4.67 6.00
CA LEU B 296 -4.14 4.78 4.63
C LEU B 296 -2.72 5.35 4.61
N LEU B 297 -2.21 5.86 5.73
CA LEU B 297 -0.77 6.24 5.84
C LEU B 297 -0.01 4.94 6.17
N ALA B 298 -0.55 4.15 7.12
CA ALA B 298 0.03 2.92 7.69
C ALA B 298 0.36 1.89 6.61
N LEU B 299 -0.40 1.86 5.51
CA LEU B 299 -0.03 1.07 4.31
C LEU B 299 1.25 1.64 3.71
N GLN B 300 1.11 2.76 3.00
CA GLN B 300 2.16 3.40 2.19
C GLN B 300 3.42 3.66 3.01
N LEU B 301 3.32 3.75 4.34
CA LEU B 301 4.47 3.49 5.26
C LEU B 301 4.96 2.06 4.98
N SER B 302 4.27 1.05 5.51
CA SER B 302 4.62 -0.37 5.31
C SER B 302 5.22 -0.51 3.90
N ALA B 303 4.44 -0.22 2.86
CA ALA B 303 4.82 -0.42 1.45
C ALA B 303 6.34 -0.24 1.33
N GLU B 304 6.82 1.00 1.35
CA GLU B 304 8.14 1.37 0.75
C GLU B 304 9.10 2.00 1.74
N GLU B 305 8.93 1.83 3.05
CA GLU B 305 10.14 1.72 3.92
C GLU B 305 10.55 0.24 3.85
N ARG B 306 9.58 -0.62 3.53
CA ARG B 306 9.85 -1.99 3.03
C ARG B 306 10.70 -1.87 1.76
N ALA B 307 10.08 -1.58 0.63
CA ALA B 307 10.66 -1.70 -0.72
C ALA B 307 11.99 -0.97 -0.85
N ALA B 308 12.13 0.18 -0.15
CA ALA B 308 13.39 0.94 0.06
C ALA B 308 14.55 -0.02 0.28
N GLU B 309 14.34 -1.07 1.08
CA GLU B 309 15.30 -2.14 1.43
C GLU B 309 15.75 -2.87 0.17
N ALA B 310 14.83 -3.60 -0.47
CA ALA B 310 15.05 -4.27 -1.77
C ALA B 310 15.97 -3.40 -2.63
N SER B 311 15.48 -2.21 -3.04
CA SER B 311 16.19 -1.25 -3.91
C SER B 311 17.57 -1.02 -3.28
N GLU B 312 17.59 -0.63 -2.02
CA GLU B 312 18.76 -0.03 -1.34
C GLU B 312 19.67 -1.15 -0.83
N ASP B 313 19.31 -2.41 -1.07
CA ASP B 313 20.25 -3.52 -0.80
C ASP B 313 20.36 -4.42 -2.04
N ALA B 314 20.09 -3.86 -3.23
CA ALA B 314 20.92 -4.08 -4.44
C ALA B 314 22.21 -3.28 -4.26
N HIS B 315 22.11 -1.94 -4.18
CA HIS B 315 23.30 -1.02 -4.14
C HIS B 315 24.21 -1.34 -2.97
N ARG B 316 23.83 -2.29 -2.11
CA ARG B 316 24.69 -2.84 -1.03
C ARG B 316 25.39 -4.09 -1.59
N ALA B 317 24.63 -4.97 -2.21
CA ALA B 317 25.13 -6.27 -2.69
C ALA B 317 26.24 -6.01 -3.71
N ALA B 318 25.99 -5.22 -4.77
CA ALA B 318 27.01 -4.79 -5.74
C ALA B 318 28.35 -4.54 -5.01
N LEU B 319 28.31 -3.97 -3.79
CA LEU B 319 29.50 -3.70 -2.93
C LEU B 319 29.99 -5.02 -2.30
N LEU B 320 29.11 -6.01 -2.12
CA LEU B 320 29.51 -7.39 -1.78
C LEU B 320 29.99 -8.13 -3.04
N GLY B 321 29.23 -8.02 -4.14
CA GLY B 321 29.55 -8.60 -5.47
C GLY B 321 30.88 -8.13 -6.04
N GLN B 322 31.33 -6.94 -5.65
CA GLN B 322 32.70 -6.42 -5.91
C GLN B 322 33.70 -7.23 -5.05
N LEU B 323 33.64 -7.14 -3.71
CA LEU B 323 34.59 -7.81 -2.76
C LEU B 323 34.50 -9.33 -2.87
N ALA B 324 33.74 -9.83 -3.85
CA ALA B 324 33.54 -11.28 -4.07
C ALA B 324 34.38 -11.76 -5.25
N THR B 325 34.50 -10.90 -6.26
CA THR B 325 35.21 -11.23 -7.50
C THR B 325 36.68 -10.84 -7.32
N ALA B 326 36.97 -9.89 -6.42
CA ALA B 326 38.25 -9.82 -5.68
C ALA B 326 38.67 -11.28 -5.42
N MET B 327 38.10 -11.90 -4.39
CA MET B 327 38.18 -13.37 -4.13
C MET B 327 38.54 -14.12 -5.44
N GLY B 328 37.81 -13.87 -6.53
CA GLY B 328 37.91 -14.61 -7.81
C GLY B 328 39.21 -14.40 -8.61
N GLU B 329 40.06 -13.45 -8.21
CA GLU B 329 41.12 -12.90 -9.09
C GLU B 329 42.47 -13.04 -8.40
N GLY B 330 42.74 -14.21 -7.82
CA GLY B 330 44.04 -14.56 -7.21
C GLY B 330 44.02 -14.48 -5.70
N GLY B 331 44.12 -15.65 -5.05
CA GLY B 331 44.45 -15.83 -3.62
C GLY B 331 45.32 -14.69 -3.15
N THR B 332 44.81 -13.94 -2.16
CA THR B 332 45.37 -12.65 -1.69
C THR B 332 44.61 -12.18 -0.44
N LEU B 333 44.36 -13.08 0.51
CA LEU B 333 43.54 -12.80 1.71
C LEU B 333 43.74 -11.32 2.12
N GLU B 334 44.78 -11.05 2.94
CA GLU B 334 45.15 -9.70 3.47
C GLU B 334 44.85 -8.60 2.42
N GLU B 335 45.59 -8.59 1.30
CA GLU B 335 45.66 -7.46 0.32
C GLU B 335 44.30 -7.15 -0.31
N VAL B 336 43.40 -8.14 -0.42
CA VAL B 336 42.07 -7.99 -1.09
C VAL B 336 40.96 -7.85 -0.04
N LEU B 337 41.30 -7.98 1.24
CA LEU B 337 40.49 -7.46 2.38
C LEU B 337 40.87 -6.00 2.59
N GLU B 338 42.01 -5.56 2.04
CA GLU B 338 42.56 -4.19 2.24
C GLU B 338 41.84 -3.24 1.28
N LYS B 339 41.83 -3.57 -0.01
CA LYS B 339 41.40 -2.64 -1.08
C LYS B 339 39.88 -2.56 -1.09
N GLU B 340 39.24 -3.73 -1.11
CA GLU B 340 37.77 -3.89 -1.27
C GLU B 340 37.10 -3.87 0.11
N SER B 341 37.87 -3.54 1.16
CA SER B 341 37.34 -2.99 2.44
C SER B 341 37.75 -1.52 2.56
N GLU B 342 37.77 -0.82 1.42
CA GLU B 342 37.16 0.52 1.29
C GLU B 342 35.65 0.33 1.12
N ARG B 343 35.28 -0.66 0.30
CA ARG B 343 33.88 -1.06 -0.02
C ARG B 343 33.22 -1.78 1.18
N VAL B 344 33.99 -2.42 2.05
CA VAL B 344 33.44 -3.00 3.31
C VAL B 344 33.21 -1.86 4.29
N LEU B 345 34.19 -0.97 4.48
CA LEU B 345 33.97 0.11 5.47
C LEU B 345 32.60 0.69 5.10
N ALA B 346 32.36 0.77 3.79
CA ALA B 346 31.15 1.38 3.18
C ALA B 346 30.02 0.35 3.01
N LEU B 347 30.18 -0.89 3.47
CA LEU B 347 29.04 -1.84 3.37
C LEU B 347 27.91 -1.20 4.17
N THR B 348 28.32 -0.80 5.37
CA THR B 348 27.57 -0.25 6.50
C THR B 348 28.20 1.10 6.84
N GLY B 349 28.53 1.88 5.80
CA GLY B 349 29.27 3.14 5.90
C GLY B 349 29.76 3.34 7.31
N ALA B 350 31.03 3.02 7.57
CA ALA B 350 31.70 3.25 8.88
C ALA B 350 33.16 3.64 8.65
N ALA B 351 33.93 3.80 9.73
CA ALA B 351 35.28 4.41 9.81
C ALA B 351 36.42 3.38 9.94
N GLY B 352 36.14 2.09 10.10
CA GLY B 352 37.19 1.06 10.26
C GLY B 352 36.69 -0.38 10.23
N VAL B 353 37.62 -1.30 10.53
CA VAL B 353 37.37 -2.73 10.87
C VAL B 353 38.71 -3.41 11.12
N ALA B 354 38.79 -4.12 12.25
CA ALA B 354 39.91 -5.02 12.61
C ALA B 354 39.43 -6.46 12.37
N LEU B 355 40.26 -7.33 11.78
CA LEU B 355 39.96 -8.76 11.53
C LEU B 355 41.04 -9.63 12.18
N LEU B 356 40.63 -10.74 12.81
CA LEU B 356 41.48 -11.71 13.53
C LEU B 356 41.33 -13.08 12.88
N LEU B 357 42.02 -13.29 11.77
CA LEU B 357 42.00 -14.56 11.00
C LEU B 357 43.24 -15.41 11.38
N GLY B 358 43.67 -15.36 12.65
CA GLY B 358 44.71 -16.23 13.22
C GLY B 358 45.90 -15.43 13.79
N GLU B 359 46.66 -14.77 12.90
CA GLU B 359 47.91 -13.99 13.12
C GLU B 359 47.71 -12.85 14.13
N GLU B 360 47.98 -11.59 13.73
CA GLU B 360 47.57 -10.35 14.44
C GLU B 360 46.28 -9.82 13.82
N PRO B 361 45.94 -8.52 13.96
CA PRO B 361 44.86 -7.90 13.17
C PRO B 361 45.25 -6.94 12.03
N LEU B 362 45.26 -7.39 10.78
CA LEU B 362 45.27 -6.46 9.60
C LEU B 362 44.04 -5.56 9.74
N LEU B 363 44.21 -4.39 10.37
CA LEU B 363 43.08 -3.57 10.88
C LEU B 363 43.09 -2.16 10.23
N VAL B 364 42.02 -1.83 9.50
CA VAL B 364 42.03 -0.89 8.34
C VAL B 364 40.74 -0.07 8.26
N GLY B 365 40.93 1.26 8.22
CA GLY B 365 39.94 2.27 7.83
C GLY B 365 40.19 3.57 8.56
N CYS B 366 40.01 3.54 9.89
CA CYS B 366 40.16 4.66 10.86
C CYS B 366 39.66 4.25 12.25
N THR B 367 40.30 3.26 12.88
CA THR B 367 39.88 2.65 14.18
C THR B 367 40.96 2.84 15.25
N PRO B 368 40.71 2.42 16.51
CA PRO B 368 41.74 2.19 17.54
C PRO B 368 43.03 1.46 17.15
N ALA B 369 43.96 1.40 18.11
CA ALA B 369 45.27 0.71 18.00
C ALA B 369 45.17 -0.69 18.58
N GLN B 370 45.96 -1.61 18.02
CA GLN B 370 45.95 -3.08 18.30
C GLN B 370 45.66 -3.32 19.78
N ASP B 371 46.38 -2.61 20.66
CA ASP B 371 46.40 -2.92 22.11
C ASP B 371 44.94 -3.05 22.53
N GLU B 372 44.15 -2.01 22.26
CA GLU B 372 42.74 -1.85 22.70
C GLU B 372 41.93 -3.04 22.15
N VAL B 373 41.98 -3.27 20.83
CA VAL B 373 41.20 -4.33 20.12
C VAL B 373 41.34 -5.67 20.86
N GLU B 374 42.59 -6.13 20.99
CA GLU B 374 43.00 -7.41 21.62
C GLU B 374 42.30 -7.59 22.98
N ALA B 375 42.20 -6.52 23.76
CA ALA B 375 41.52 -6.46 25.08
C ALA B 375 40.02 -6.57 24.83
N LEU B 376 39.57 -6.05 23.69
CA LEU B 376 38.15 -6.08 23.25
C LEU B 376 37.72 -7.49 22.81
N VAL B 377 38.54 -8.26 22.07
CA VAL B 377 38.08 -9.57 21.51
C VAL B 377 37.84 -10.54 22.66
N ALA B 378 38.81 -10.65 23.58
CA ALA B 378 38.70 -11.43 24.83
C ALA B 378 37.35 -11.13 25.49
N TRP B 379 37.17 -9.90 25.95
CA TRP B 379 35.92 -9.36 26.57
C TRP B 379 34.66 -9.76 25.79
N LEU B 380 34.80 -10.09 24.51
CA LEU B 380 33.68 -10.24 23.56
C LEU B 380 33.37 -11.74 23.37
N ALA B 381 34.36 -12.58 23.64
CA ALA B 381 34.16 -14.03 23.82
C ALA B 381 33.40 -14.29 25.14
N THR B 382 33.32 -13.28 26.01
CA THR B 382 32.58 -13.30 27.31
C THR B 382 31.07 -13.05 27.08
N GLN B 383 30.63 -12.56 25.91
CA GLN B 383 29.21 -12.14 25.68
C GLN B 383 28.41 -13.20 24.91
N PRO B 384 27.06 -13.21 25.06
CA PRO B 384 26.21 -14.35 24.69
C PRO B 384 25.21 -14.20 23.53
N PHE B 385 25.66 -14.43 22.28
CA PHE B 385 24.87 -14.30 21.03
C PHE B 385 25.28 -15.34 19.99
N GLN B 386 24.43 -15.62 18.99
CA GLN B 386 24.56 -16.78 18.07
C GLN B 386 25.44 -16.42 16.87
N THR B 387 25.25 -15.19 16.38
CA THR B 387 26.03 -14.54 15.29
C THR B 387 25.71 -13.04 15.35
N SER B 388 26.69 -12.24 15.72
CA SER B 388 26.61 -10.76 15.85
C SER B 388 25.79 -10.32 17.08
N PHE B 389 26.51 -9.89 18.11
CA PHE B 389 26.12 -8.83 19.08
C PHE B 389 26.45 -7.49 18.45
N HIS B 390 25.49 -6.57 18.38
CA HIS B 390 25.77 -5.12 18.12
C HIS B 390 25.36 -4.32 19.35
N THR B 391 26.05 -3.19 19.56
CA THR B 391 25.66 -2.11 20.50
C THR B 391 25.85 -0.75 19.82
N ASP B 392 25.08 0.23 20.30
CA ASP B 392 25.10 1.65 19.87
C ASP B 392 25.42 2.50 21.10
N ARG B 393 25.85 1.87 22.19
CA ARG B 393 26.37 2.51 23.43
C ARG B 393 27.66 1.81 23.86
N LEU B 394 28.78 2.13 23.19
CA LEU B 394 30.07 1.43 23.42
C LEU B 394 30.54 1.56 24.88
N GLY B 395 30.17 2.64 25.58
CA GLY B 395 30.45 2.81 27.02
C GLY B 395 29.58 1.90 27.89
N THR B 396 28.37 1.58 27.44
CA THR B 396 27.27 1.07 28.32
C THR B 396 27.43 -0.45 28.47
N VAL B 397 28.52 -0.98 27.93
CA VAL B 397 28.76 -2.45 27.77
C VAL B 397 30.25 -2.73 28.04
N TYR B 398 31.13 -1.93 27.41
CA TYR B 398 32.60 -2.08 27.44
C TYR B 398 33.28 -0.72 27.61
N PRO B 399 33.09 -0.01 28.77
CA PRO B 399 33.59 1.36 28.95
C PRO B 399 35.10 1.54 28.94
N PRO B 400 35.91 0.47 28.96
CA PRO B 400 37.31 0.60 28.54
C PRO B 400 37.51 1.41 27.24
N LEU B 401 36.61 1.19 26.27
CA LEU B 401 36.74 1.74 24.90
C LEU B 401 35.79 2.93 24.74
N ALA B 402 35.48 3.61 25.86
CA ALA B 402 34.75 4.89 25.93
C ALA B 402 35.49 5.91 25.07
N ALA B 403 36.18 6.88 25.69
CA ALA B 403 37.09 7.88 25.08
C ALA B 403 37.34 7.64 23.59
N ARG B 404 37.06 6.43 23.08
CA ARG B 404 37.12 6.11 21.64
C ARG B 404 35.74 6.35 21.05
N ALA B 405 34.93 7.17 21.72
CA ALA B 405 33.53 7.48 21.34
C ALA B 405 33.54 8.29 20.03
N ASP B 406 34.73 8.65 19.56
CA ASP B 406 34.95 9.52 18.38
C ASP B 406 35.10 8.67 17.12
N VAL B 407 35.41 7.37 17.24
CA VAL B 407 35.52 6.42 16.08
C VAL B 407 34.86 5.08 16.40
N ALA B 408 34.61 4.83 17.69
CA ALA B 408 33.80 3.70 18.18
C ALA B 408 32.47 4.22 18.76
N ALA B 409 31.45 3.37 18.81
CA ALA B 409 30.14 3.60 19.49
C ALA B 409 29.31 2.32 19.38
N GLY B 410 29.34 1.71 18.18
CA GLY B 410 28.80 0.35 17.92
C GLY B 410 29.83 -0.55 17.25
N ILE B 411 29.68 -1.87 17.44
CA ILE B 411 30.48 -2.90 16.73
C ILE B 411 29.51 -3.89 16.06
N LEU B 412 30.03 -4.67 15.10
CA LEU B 412 29.29 -5.68 14.30
C LEU B 412 29.90 -7.05 14.49
N ALA B 413 29.66 -7.67 15.63
CA ALA B 413 30.10 -9.06 15.89
C ALA B 413 29.68 -9.95 14.72
N VAL B 414 30.59 -10.81 14.26
CA VAL B 414 30.31 -12.05 13.48
C VAL B 414 31.35 -13.09 13.92
N ARG B 415 30.92 -14.14 14.62
CA ARG B 415 31.81 -15.26 15.02
C ARG B 415 32.03 -16.16 13.80
N LEU B 416 33.23 -16.11 13.22
CA LEU B 416 33.60 -16.85 11.99
C LEU B 416 33.71 -18.36 12.28
N ALA B 417 33.62 -18.80 13.55
CA ALA B 417 33.76 -20.21 13.94
C ALA B 417 33.26 -20.44 15.36
N PRO B 418 33.17 -21.71 15.83
CA PRO B 418 32.64 -22.03 17.15
C PRO B 418 33.64 -21.62 18.26
N ALA B 419 34.38 -22.58 18.83
CA ALA B 419 35.21 -22.42 20.04
C ALA B 419 36.48 -21.63 19.72
N ALA B 420 36.36 -20.46 19.08
CA ALA B 420 37.48 -19.60 18.62
C ALA B 420 37.07 -18.11 18.67
N ALA B 421 38.06 -17.22 18.73
CA ALA B 421 37.88 -15.75 18.72
C ALA B 421 38.05 -15.20 17.29
N ARG B 422 38.16 -16.09 16.29
CA ARG B 422 38.16 -15.72 14.84
C ARG B 422 36.94 -14.83 14.62
N PHE B 423 37.11 -13.70 13.92
CA PHE B 423 36.19 -12.53 14.04
C PHE B 423 36.30 -11.56 12.88
N ALA B 424 35.54 -10.47 13.01
CA ALA B 424 35.78 -9.14 12.39
C ALA B 424 34.70 -8.17 12.90
N ILE B 425 35.13 -6.99 13.35
CA ILE B 425 34.33 -6.00 14.13
C ILE B 425 34.58 -4.62 13.54
N TRP B 426 33.62 -3.72 13.48
CA TRP B 426 34.01 -2.35 13.05
C TRP B 426 33.25 -1.22 13.75
N PHE B 427 33.72 -0.02 13.45
CA PHE B 427 33.88 1.09 14.41
C PHE B 427 33.06 2.25 13.87
N ARG B 428 31.89 2.44 14.46
CA ARG B 428 30.95 3.49 14.04
C ARG B 428 30.86 4.44 15.23
N PRO B 429 30.88 5.77 15.01
CA PRO B 429 31.09 6.77 16.06
C PRO B 429 29.94 7.68 16.52
N GLU B 430 30.26 8.72 17.30
CA GLU B 430 29.28 9.66 17.92
C GLU B 430 28.92 10.76 16.91
N VAL B 431 27.78 11.44 17.15
CA VAL B 431 27.08 12.34 16.18
C VAL B 431 26.16 13.33 16.92
N ALA B 432 26.38 14.64 16.68
CA ALA B 432 25.71 15.83 17.25
C ALA B 432 24.32 15.53 17.84
N ARG B 433 23.25 15.72 17.05
CA ARG B 433 21.81 15.46 17.35
C ARG B 433 21.24 16.44 18.40
N THR B 434 20.11 17.08 18.08
CA THR B 434 19.40 18.06 18.96
C THR B 434 17.89 17.79 18.99
N ILE B 435 17.48 16.52 18.96
CA ILE B 435 16.23 16.14 19.66
C ILE B 435 16.02 17.20 20.73
N SER B 436 15.00 18.04 20.59
CA SER B 436 14.67 19.20 21.48
C SER B 436 13.34 18.94 22.21
N TRP B 437 13.34 18.94 23.55
CA TRP B 437 12.13 18.64 24.34
C TRP B 437 11.33 19.92 24.64
N ALA B 438 10.07 19.74 25.06
CA ALA B 438 9.06 20.78 25.34
C ALA B 438 9.15 21.17 26.83
N GLY B 439 10.31 21.70 27.23
CA GLY B 439 10.72 21.91 28.63
C GLY B 439 11.74 20.85 29.04
N ASN B 440 12.46 21.09 30.14
CA ASN B 440 13.47 20.12 30.65
C ASN B 440 12.84 18.74 30.55
N PRO B 441 13.50 17.76 29.89
CA PRO B 441 12.87 16.47 29.59
C PRO B 441 12.82 15.54 30.83
N ARG B 442 13.50 15.97 31.88
CA ARG B 442 13.57 15.27 33.19
C ARG B 442 12.17 15.30 33.81
N LYS B 443 11.62 16.50 33.98
CA LYS B 443 10.35 16.76 34.72
C LYS B 443 9.19 16.93 33.74
N PRO B 444 8.28 15.93 33.60
CA PRO B 444 7.24 15.94 32.56
C PRO B 444 5.80 16.10 33.03
N ALA B 445 5.61 16.23 34.34
CA ALA B 445 4.38 15.87 35.07
C ALA B 445 4.69 16.04 36.56
N GLU B 446 4.33 17.18 37.13
CA GLU B 446 4.92 17.66 38.41
C GLU B 446 3.81 18.07 39.37
N PRO B 447 3.89 17.65 40.65
CA PRO B 447 2.79 17.72 41.58
C PRO B 447 3.04 18.48 42.89
N GLU B 448 2.15 18.28 43.86
CA GLU B 448 2.05 19.08 45.11
C GLU B 448 2.36 18.17 46.30
N PRO B 449 2.99 18.75 47.37
CA PRO B 449 3.71 18.00 48.41
C PRO B 449 3.60 16.47 48.50
N GLY B 450 2.49 15.91 48.96
CA GLY B 450 2.24 14.45 48.88
C GLY B 450 2.37 14.00 47.44
N HIS B 451 2.39 12.71 47.18
CA HIS B 451 2.67 12.17 45.81
C HIS B 451 1.60 11.12 45.46
N GLN B 452 0.35 11.57 45.45
CA GLN B 452 -0.84 10.82 44.97
C GLN B 452 -1.62 11.73 44.01
N ARG B 453 -1.57 13.03 44.27
CA ARG B 453 -2.26 14.10 43.50
C ARG B 453 -1.22 14.85 42.68
N LEU B 454 -1.16 14.59 41.37
CA LEU B 454 -0.19 15.22 40.45
C LEU B 454 -0.94 15.79 39.23
N HIS B 455 -0.33 16.78 38.59
CA HIS B 455 -0.99 17.61 37.54
C HIS B 455 -0.14 17.60 36.27
N PRO B 456 -0.51 18.46 35.29
CA PRO B 456 0.27 18.67 34.06
C PRO B 456 1.68 19.27 34.10
N ARG B 457 2.20 19.65 32.92
CA ARG B 457 3.41 20.47 32.72
C ARG B 457 3.02 21.94 32.92
N GLY B 458 2.95 22.73 31.84
CA GLY B 458 2.68 24.18 31.85
C GLY B 458 3.85 24.95 31.27
N SER B 459 4.33 24.56 30.08
CA SER B 459 5.73 24.76 29.62
C SER B 459 5.86 24.74 28.08
N PHE B 460 6.29 23.61 27.51
CA PHE B 460 6.52 23.38 26.06
C PHE B 460 7.34 24.45 25.33
N GLN B 461 8.41 25.03 25.89
CA GLN B 461 9.16 26.14 25.21
C GLN B 461 10.62 25.74 24.90
N ALA B 462 10.79 24.60 24.23
CA ALA B 462 12.00 24.15 23.48
C ALA B 462 13.28 24.18 24.33
N TRP B 463 13.28 23.50 25.48
CA TRP B 463 14.48 23.15 26.30
C TRP B 463 15.21 22.02 25.56
N GLU B 464 16.40 22.29 25.02
CA GLU B 464 17.23 21.34 24.25
C GLU B 464 17.96 20.35 25.17
N GLU B 465 18.16 19.12 24.66
CA GLU B 465 19.04 18.05 25.20
C GLU B 465 19.86 17.50 24.02
N THR B 466 21.05 16.92 24.30
CA THR B 466 22.07 16.52 23.28
C THR B 466 22.35 15.03 23.38
N VAL B 467 21.41 14.19 22.92
CA VAL B 467 21.75 12.80 22.51
C VAL B 467 23.21 12.87 22.01
N ARG B 468 24.17 12.35 22.78
CA ARG B 468 25.61 12.41 22.43
C ARG B 468 26.43 11.33 23.14
N ASP B 469 27.54 10.95 22.53
CA ASP B 469 28.34 9.71 22.77
C ASP B 469 27.57 8.52 22.21
N THR B 470 26.49 8.78 21.45
CA THR B 470 25.61 7.77 20.79
C THR B 470 26.21 7.42 19.42
N SER B 471 25.40 6.85 18.52
CA SER B 471 25.80 6.51 17.14
C SER B 471 24.55 6.55 16.26
N LEU B 472 24.59 5.86 15.12
CA LEU B 472 23.44 5.70 14.20
C LEU B 472 22.63 4.47 14.57
N PRO B 473 21.66 4.05 13.74
CA PRO B 473 20.96 2.78 13.91
C PRO B 473 21.64 1.70 13.06
N TRP B 474 20.99 0.55 12.91
CA TRP B 474 21.57 -0.62 12.21
C TRP B 474 20.52 -1.23 11.28
N LYS B 475 20.17 -0.48 10.24
CA LYS B 475 19.12 -0.80 9.22
C LYS B 475 19.14 -2.30 8.86
N ARG B 476 17.99 -3.00 8.88
CA ARG B 476 17.85 -4.32 8.22
C ARG B 476 18.60 -4.18 6.89
N ALA B 477 19.79 -4.79 6.79
CA ALA B 477 20.68 -4.78 5.60
C ALA B 477 22.14 -4.66 6.05
N ASP B 478 22.35 -3.91 7.16
CA ASP B 478 23.52 -4.00 8.08
C ASP B 478 23.52 -5.44 8.63
N LEU B 479 22.76 -5.71 9.71
CA LEU B 479 22.62 -7.08 10.29
C LEU B 479 22.72 -8.13 9.17
N GLY B 480 22.12 -7.87 8.00
CA GLY B 480 21.97 -8.84 6.90
C GLY B 480 23.15 -8.84 5.94
N ALA B 481 23.87 -7.71 5.81
CA ALA B 481 25.10 -7.63 4.99
C ALA B 481 26.19 -8.52 5.59
N ALA B 482 26.05 -8.88 6.88
CA ALA B 482 27.04 -9.65 7.67
C ALA B 482 26.85 -11.14 7.43
N GLU B 483 25.62 -11.65 7.47
CA GLU B 483 25.38 -13.12 7.49
C GLU B 483 25.71 -13.72 6.13
N GLY B 484 25.93 -12.86 5.13
CA GLY B 484 26.33 -13.25 3.76
C GLY B 484 27.84 -13.33 3.64
N PHE B 485 28.51 -12.55 4.50
CA PHE B 485 29.98 -12.39 4.61
C PHE B 485 30.55 -13.44 5.58
N ARG B 486 29.77 -13.89 6.58
CA ARG B 486 30.01 -15.21 7.25
C ARG B 486 30.50 -16.19 6.18
N GLY B 487 29.63 -16.51 5.21
CA GLY B 487 29.80 -17.57 4.20
C GLY B 487 31.00 -17.31 3.29
N ALA B 488 31.21 -16.04 2.95
CA ALA B 488 32.39 -15.58 2.17
C ALA B 488 33.65 -16.24 2.75
N LEU B 489 33.91 -15.95 4.03
CA LEU B 489 35.19 -16.25 4.74
C LEU B 489 35.25 -17.73 5.11
N VAL B 490 34.28 -18.21 5.91
CA VAL B 490 34.29 -19.58 6.54
C VAL B 490 35.65 -20.26 6.31
#